data_8E3A
#
_entry.id   8E3A
#
_cell.length_a   1.00
_cell.length_b   1.00
_cell.length_c   1.00
_cell.angle_alpha   90.00
_cell.angle_beta   90.00
_cell.angle_gamma   90.00
#
_symmetry.space_group_name_H-M   'P 1'
#
loop_
_entity.id
_entity.type
_entity.pdbx_description
1 polymer VP1
2 polymer VP2
3 polymer VP3
4 polymer VP4
#
loop_
_entity_poly.entity_id
_entity_poly.type
_entity_poly.pdbx_seq_one_letter_code
_entity_poly.pdbx_strand_id
1 'polypeptide(L)'
;GDRVADVIESSIGDSVSRALTRALPAPTGQDTQVSSHRLDTGKVPALQAAEIGASSNASDESMIETRCVLNSHSTAETTL
DSFFSRAGLVGEIDLPLEGTTNPNGYANWDIDITGYAQMRRKVELFTYMRFDAEFTFVACTPTGQVVPQLLQYMFVPPGA
PEPDSRESLAWQTATNPSVFVKLSDPPAQVSVPFMSPASAYQWFYDGYPTFGEHKQEKDLEYGACPNNMMGTFSVRTVGT
SKSKYPLVIRIYMRMKHVRAWIPRPMRNQNYLFKANPNYAGNFIKPTGASRTAITTL
;
A
2 'polypeptide(L)'
;SPSAEACGYSDRVAQLTIGNSTITTQEAANIIVGYGEWPSYCSDSDATAVDKPTRPDVSVNRFYTLDTKLWEKSSKGWYW
KFPDVLTETGVFGQNAQFHYLYRSGFCIHVQCNASKFHQGALLVAVLPEYVIGSVAGGTGTEDTHPPYKQTQPGADGFEL
QHPYVLDAGIPISQLTVCPHQWINLRTNNCATIIVPYINALPFDSALNHCNFGLLVVPISPLDYDQGATPVIPITITLAP
MCSEFAGLRQAVTQ
;
B
3 'polypeptide(L)'
;GFPTELKPGTNQFLTTDDGVSAPILPNFHPTPCIHIPGEVRNLLELCQVETILEVNNVPTNATSLMERLRFPVSAQAGKG
ELCAVFRADPGRSGPWQSTLLGQLCGYYTQWSGSLEVTFMFTGSFMATGKMLIAYTPPGGPLPKDRATAMLGTHVIWDFG
LQSSVTLVIPWISNTHYRAHARDGVFDYYTTGLVSIWYQTNYVVPIGAPNTAYIIALAAAQKNFTMKLCKDASDILQTGT
IQ
;
C
4 'polypeptide(L)' MGSQVSTQRSGSHENSNSATEGSTINYTTINYYKDSYAATAGKQSLKQDPDKFANPVKDIFTEMAAPLK D
#
# COMPACT_ATOMS: atom_id res chain seq x y z
N GLY A 1 -23.03 -45.77 -14.83
CA GLY A 1 -21.65 -46.07 -15.17
C GLY A 1 -20.85 -44.84 -15.59
N ASP A 2 -20.08 -44.98 -16.67
CA ASP A 2 -19.26 -43.91 -17.21
C ASP A 2 -19.56 -43.78 -18.69
N ARG A 3 -20.57 -42.96 -19.02
CA ARG A 3 -21.00 -42.76 -20.40
C ARG A 3 -20.83 -41.33 -20.87
N VAL A 4 -21.36 -40.35 -20.14
CA VAL A 4 -21.27 -38.95 -20.51
C VAL A 4 -20.01 -38.36 -19.87
N ALA A 5 -19.42 -37.38 -20.56
CA ALA A 5 -18.21 -36.71 -20.10
C ALA A 5 -18.39 -35.19 -20.04
N ASP A 6 -19.56 -34.73 -19.61
CA ASP A 6 -19.83 -33.30 -19.58
C ASP A 6 -19.00 -32.60 -18.51
N VAL A 7 -18.85 -33.22 -17.34
CA VAL A 7 -18.24 -32.54 -16.20
C VAL A 7 -16.72 -32.67 -16.18
N ILE A 8 -16.15 -33.58 -16.97
CA ILE A 8 -14.73 -33.90 -16.92
C ILE A 8 -13.83 -32.71 -17.28
N GLU A 9 -14.41 -31.57 -17.66
CA GLU A 9 -13.61 -30.41 -18.05
C GLU A 9 -12.89 -29.79 -16.87
N SER A 10 -13.22 -30.22 -15.64
CA SER A 10 -12.64 -29.63 -14.45
C SER A 10 -11.12 -29.78 -14.40
N SER A 11 -10.50 -29.03 -13.49
CA SER A 11 -9.05 -28.85 -13.44
C SER A 11 -8.52 -29.12 -12.02
N ILE A 12 -8.86 -30.28 -11.47
CA ILE A 12 -8.43 -30.70 -10.13
C ILE A 12 -6.93 -30.50 -9.97
N GLY A 13 -6.49 -30.20 -8.75
CA GLY A 13 -5.14 -29.70 -8.54
C GLY A 13 -5.11 -28.45 -7.69
N ASP A 14 -6.16 -28.26 -6.88
CA ASP A 14 -6.35 -27.08 -6.07
C ASP A 14 -5.12 -26.73 -5.24
N SER A 15 -4.61 -25.51 -5.45
CA SER A 15 -3.46 -25.01 -4.69
C SER A 15 -3.76 -23.74 -3.92
N VAL A 16 -4.24 -22.68 -4.58
CA VAL A 16 -4.33 -21.35 -3.98
C VAL A 16 -5.64 -20.69 -4.40
N SER A 17 -5.78 -19.39 -4.11
CA SER A 17 -7.01 -18.64 -4.40
C SER A 17 -7.50 -18.86 -5.82
N ARG A 18 -8.80 -18.65 -6.02
CA ARG A 18 -9.44 -18.93 -7.30
C ARG A 18 -8.83 -18.14 -8.44
N ALA A 19 -8.48 -18.84 -9.51
CA ALA A 19 -8.04 -18.25 -10.78
C ALA A 19 -8.13 -19.35 -11.84
N LEU A 20 -7.55 -19.10 -13.01
CA LEU A 20 -7.54 -20.09 -14.08
C LEU A 20 -6.17 -20.29 -14.71
N THR A 21 -5.19 -19.46 -14.38
CA THR A 21 -3.86 -19.57 -14.95
C THR A 21 -3.13 -20.79 -14.38
N ARG A 22 -2.01 -21.13 -15.02
CA ARG A 22 -1.23 -22.28 -14.60
C ARG A 22 0.26 -22.01 -14.85
N ALA A 23 1.10 -22.54 -13.96
CA ALA A 23 2.54 -22.46 -14.10
C ALA A 23 3.17 -23.77 -13.67
N LEU A 24 4.51 -23.81 -13.56
CA LEU A 24 5.20 -25.04 -13.18
C LEU A 24 6.54 -24.71 -12.55
N PRO A 25 6.91 -25.41 -11.47
CA PRO A 25 8.22 -25.19 -10.85
C PRO A 25 9.35 -25.72 -11.73
N ALA A 26 10.57 -25.30 -11.38
CA ALA A 26 11.77 -25.71 -12.09
C ALA A 26 12.81 -26.12 -11.05
N PRO A 27 13.67 -27.10 -11.36
CA PRO A 27 14.67 -27.55 -10.37
C PRO A 27 15.74 -26.52 -10.07
N THR A 28 16.36 -25.96 -11.10
CA THR A 28 17.49 -25.05 -10.93
C THR A 28 17.21 -23.74 -11.68
N GLY A 29 18.24 -22.88 -11.75
CA GLY A 29 18.09 -21.57 -12.35
C GLY A 29 19.10 -21.26 -13.44
N GLN A 30 19.41 -19.97 -13.60
CA GLN A 30 20.31 -19.49 -14.65
C GLN A 30 21.19 -18.38 -14.10
N ASP A 31 22.32 -18.16 -14.76
CA ASP A 31 23.28 -17.14 -14.37
C ASP A 31 23.79 -16.38 -15.59
N THR A 32 24.51 -15.30 -15.34
CA THR A 32 25.01 -14.43 -16.39
C THR A 32 26.27 -13.72 -15.91
N GLN A 33 27.16 -13.44 -16.85
CA GLN A 33 28.40 -12.71 -16.59
C GLN A 33 28.42 -11.42 -17.40
N VAL A 34 29.57 -10.74 -17.38
CA VAL A 34 29.74 -9.45 -18.03
C VAL A 34 30.85 -9.57 -19.07
N SER A 35 30.79 -8.71 -20.08
CA SER A 35 31.76 -8.72 -21.18
C SER A 35 31.88 -7.31 -21.75
N SER A 36 32.48 -7.21 -22.93
CA SER A 36 32.71 -5.94 -23.61
C SER A 36 31.97 -5.94 -24.95
N HIS A 37 32.22 -4.91 -25.75
CA HIS A 37 31.51 -4.75 -27.01
C HIS A 37 31.93 -5.80 -28.02
N ARG A 38 30.94 -6.38 -28.69
CA ARG A 38 31.18 -7.40 -29.73
C ARG A 38 29.88 -7.60 -30.50
N LEU A 39 30.01 -7.87 -31.80
CA LEU A 39 28.86 -8.09 -32.66
C LEU A 39 28.72 -9.59 -32.88
N ASP A 40 27.86 -10.22 -32.08
CA ASP A 40 27.66 -11.66 -32.14
C ASP A 40 26.26 -11.99 -31.63
N THR A 41 25.82 -13.22 -31.91
CA THR A 41 24.50 -13.66 -31.52
C THR A 41 24.55 -14.96 -30.74
N GLY A 42 23.38 -15.53 -30.43
CA GLY A 42 23.31 -16.77 -29.69
C GLY A 42 23.26 -16.59 -28.18
N LYS A 43 24.39 -16.17 -27.61
CA LYS A 43 24.51 -15.96 -26.17
C LYS A 43 24.99 -14.54 -25.92
N VAL A 44 24.08 -13.68 -25.47
CA VAL A 44 24.45 -12.30 -25.12
C VAL A 44 23.48 -11.74 -24.07
N PRO A 45 23.44 -12.31 -22.86
CA PRO A 45 22.61 -11.74 -21.79
C PRO A 45 23.32 -10.73 -20.90
N ALA A 46 24.47 -10.18 -21.33
CA ALA A 46 25.36 -9.45 -20.42
C ALA A 46 24.66 -8.31 -19.69
N LEU A 47 23.93 -7.46 -20.41
CA LEU A 47 23.25 -6.34 -19.79
C LEU A 47 21.76 -6.64 -19.67
N GLN A 48 21.10 -5.94 -18.75
CA GLN A 48 19.71 -6.20 -18.46
C GLN A 48 18.95 -4.89 -18.34
N ALA A 49 17.92 -4.73 -19.17
CA ALA A 49 16.95 -3.65 -19.03
C ALA A 49 15.70 -4.26 -18.41
N ALA A 50 15.27 -3.68 -17.29
CA ALA A 50 14.20 -4.29 -16.48
C ALA A 50 12.95 -4.61 -17.27
N GLU A 51 12.58 -3.76 -18.23
CA GLU A 51 11.38 -4.04 -19.02
C GLU A 51 11.73 -4.67 -20.36
N ILE A 52 12.62 -4.05 -21.13
CA ILE A 52 12.96 -4.56 -22.45
C ILE A 52 13.95 -5.71 -22.35
N GLY A 53 15.13 -5.45 -21.80
CA GLY A 53 16.15 -6.48 -21.66
C GLY A 53 16.86 -6.82 -22.95
N ALA A 54 16.82 -5.90 -23.91
CA ALA A 54 17.46 -6.11 -25.20
C ALA A 54 17.74 -4.74 -25.82
N SER A 55 18.09 -4.73 -27.10
CA SER A 55 18.36 -3.50 -27.83
C SER A 55 17.31 -3.30 -28.90
N SER A 56 16.82 -2.06 -29.00
CA SER A 56 15.80 -1.73 -29.99
C SER A 56 16.39 -1.74 -31.39
N ASN A 57 15.50 -1.57 -32.38
CA ASN A 57 15.89 -1.50 -33.79
C ASN A 57 16.45 -0.13 -34.12
N ALA A 58 16.63 0.69 -33.08
CA ALA A 58 17.39 1.92 -33.17
C ALA A 58 18.34 1.94 -31.98
N SER A 59 19.63 2.03 -32.29
CA SER A 59 20.67 1.80 -31.30
C SER A 59 20.65 2.84 -30.19
N ASP A 60 20.87 2.36 -28.96
CA ASP A 60 20.80 3.23 -27.80
C ASP A 60 22.17 3.80 -27.45
N GLU A 61 23.20 2.95 -27.45
CA GLU A 61 24.54 3.31 -26.98
C GLU A 61 25.60 3.07 -28.03
N SER A 62 25.36 3.53 -29.26
CA SER A 62 26.30 3.28 -30.34
C SER A 62 27.53 4.18 -30.28
N MET A 63 27.54 5.19 -29.41
CA MET A 63 28.58 6.21 -29.44
C MET A 63 29.65 6.01 -28.39
N ILE A 64 29.29 5.60 -27.17
CA ILE A 64 30.23 5.46 -26.07
C ILE A 64 29.99 4.14 -25.36
N GLU A 65 30.84 3.84 -24.38
CA GLU A 65 30.79 2.60 -23.63
C GLU A 65 30.40 2.87 -22.18
N THR A 66 30.46 1.80 -21.37
CA THR A 66 30.08 1.89 -19.96
C THR A 66 31.20 1.44 -19.04
N ARG A 67 30.92 1.33 -17.75
CA ARG A 67 31.88 0.92 -16.74
C ARG A 67 31.28 -0.18 -15.86
N CYS A 68 31.97 -0.50 -14.78
CA CYS A 68 31.55 -1.57 -13.86
C CYS A 68 31.73 -1.11 -12.43
N VAL A 69 30.96 -1.72 -11.53
CA VAL A 69 30.98 -1.43 -10.11
C VAL A 69 31.05 -2.74 -9.34
N LEU A 70 31.71 -2.71 -8.18
CA LEU A 70 31.84 -3.87 -7.32
C LEU A 70 31.09 -3.64 -6.02
N ASN A 71 30.67 -4.72 -5.37
CA ASN A 71 29.85 -4.66 -4.17
C ASN A 71 30.65 -5.07 -2.94
N SER A 72 30.40 -4.36 -1.83
CA SER A 72 31.01 -4.69 -0.55
C SER A 72 30.05 -4.52 0.60
N HIS A 73 28.74 -4.54 0.35
CA HIS A 73 27.72 -4.26 1.35
C HIS A 73 26.94 -5.53 1.66
N SER A 74 26.52 -5.65 2.91
CA SER A 74 25.73 -6.79 3.38
C SER A 74 24.30 -6.35 3.67
N THR A 75 23.36 -7.25 3.40
CA THR A 75 21.93 -6.98 3.54
C THR A 75 21.23 -8.04 4.39
N ALA A 76 21.99 -8.76 5.21
CA ALA A 76 21.41 -9.83 6.00
C ALA A 76 20.52 -9.29 7.12
N GLU A 77 21.00 -8.29 7.87
CA GLU A 77 20.29 -7.78 9.03
C GLU A 77 19.73 -6.38 8.82
N THR A 78 19.36 -6.02 7.60
CA THR A 78 18.83 -4.69 7.31
C THR A 78 17.30 -4.62 7.41
N THR A 79 16.65 -5.72 7.76
CA THR A 79 15.19 -5.72 7.85
C THR A 79 14.73 -4.84 9.01
N LEU A 80 13.58 -4.20 8.82
CA LEU A 80 13.04 -3.28 9.83
C LEU A 80 11.78 -3.79 10.49
N ASP A 81 11.14 -4.80 9.91
CA ASP A 81 9.77 -5.23 10.24
C ASP A 81 9.46 -5.15 11.74
N SER A 82 10.37 -5.62 12.58
CA SER A 82 10.15 -5.56 14.01
C SER A 82 11.10 -4.60 14.72
N PHE A 83 12.30 -4.40 14.16
CA PHE A 83 13.32 -3.62 14.86
C PHE A 83 13.22 -2.14 14.57
N PHE A 84 12.20 -1.70 13.83
CA PHE A 84 12.12 -0.31 13.40
C PHE A 84 11.70 0.64 14.52
N SER A 85 11.61 0.18 15.76
CA SER A 85 11.20 1.00 16.89
C SER A 85 12.40 1.80 17.38
N ARG A 86 12.22 3.08 17.63
CA ARG A 86 13.27 3.95 18.15
C ARG A 86 12.66 4.89 19.18
N ALA A 87 13.45 5.90 19.57
CA ALA A 87 13.02 6.84 20.59
C ALA A 87 11.88 7.71 20.11
N GLY A 88 11.04 8.14 21.05
CA GLY A 88 9.93 9.02 20.75
C GLY A 88 8.98 9.17 21.93
N LEU A 89 8.50 10.39 22.15
CA LEU A 89 7.57 10.64 23.25
C LEU A 89 6.25 9.94 22.97
N VAL A 90 5.58 9.46 24.02
CA VAL A 90 4.43 8.58 23.86
C VAL A 90 3.18 9.08 24.55
N GLY A 91 3.24 9.37 25.85
CA GLY A 91 2.07 9.92 26.52
C GLY A 91 1.99 9.54 27.98
N GLU A 92 1.11 10.26 28.68
CA GLU A 92 0.97 10.14 30.13
C GLU A 92 -0.46 10.48 30.54
N ILE A 93 -0.79 10.13 31.78
CA ILE A 93 -2.08 10.42 32.40
C ILE A 93 -1.83 10.78 33.85
N ASP A 94 -2.86 11.29 34.54
CA ASP A 94 -2.72 11.71 35.93
C ASP A 94 -3.89 11.26 36.78
N LEU A 95 -3.60 10.93 38.04
CA LEU A 95 -4.61 10.63 39.06
C LEU A 95 -4.32 11.53 40.25
N PRO A 96 -4.90 12.72 40.27
CA PRO A 96 -4.69 13.61 41.43
C PRO A 96 -5.57 13.23 42.60
N LEU A 97 -5.22 13.76 43.77
CA LEU A 97 -6.06 13.54 44.95
C LEU A 97 -7.36 14.31 44.85
N GLU A 98 -7.29 15.61 44.61
CA GLU A 98 -8.48 16.45 44.44
C GLU A 98 -8.50 16.99 43.03
N GLY A 99 -9.63 16.79 42.34
CA GLY A 99 -9.77 17.26 40.97
C GLY A 99 -11.21 17.19 40.52
N THR A 100 -11.45 17.77 39.35
CA THR A 100 -12.78 17.81 38.75
C THR A 100 -12.93 16.84 37.59
N THR A 101 -11.87 16.62 36.82
CA THR A 101 -11.94 15.65 35.73
C THR A 101 -12.10 14.22 36.24
N ASN A 102 -11.76 13.97 37.51
CA ASN A 102 -11.87 12.64 38.11
C ASN A 102 -12.62 12.80 39.43
N PRO A 103 -13.94 12.97 39.38
CA PRO A 103 -14.74 13.07 40.61
C PRO A 103 -14.94 11.76 41.34
N ASN A 104 -14.45 10.64 40.79
CA ASN A 104 -14.72 9.32 41.32
C ASN A 104 -13.53 8.68 42.01
N GLY A 105 -12.31 9.18 41.78
CA GLY A 105 -11.13 8.58 42.36
C GLY A 105 -10.50 7.48 41.55
N TYR A 106 -11.12 7.06 40.46
CA TYR A 106 -10.57 6.01 39.61
C TYR A 106 -10.62 6.47 38.16
N ALA A 107 -9.74 5.91 37.34
CA ALA A 107 -9.66 6.24 35.92
C ALA A 107 -9.77 4.97 35.11
N ASN A 108 -10.77 4.92 34.22
CA ASN A 108 -10.97 3.80 33.31
C ASN A 108 -10.78 4.30 31.89
N TRP A 109 -9.77 3.74 31.20
CA TRP A 109 -9.42 4.16 29.86
C TRP A 109 -9.56 2.98 28.90
N ASP A 110 -10.13 3.24 27.73
CA ASP A 110 -10.33 2.21 26.72
C ASP A 110 -9.01 1.91 26.00
N ILE A 111 -8.58 0.65 26.08
CA ILE A 111 -7.30 0.23 25.53
C ILE A 111 -7.39 0.18 24.01
N ASP A 112 -6.49 0.90 23.33
CA ASP A 112 -6.41 0.83 21.88
C ASP A 112 -5.16 1.54 21.40
N ILE A 113 -4.80 1.25 20.15
CA ILE A 113 -3.72 1.97 19.47
C ILE A 113 -4.15 3.36 19.04
N THR A 114 -5.41 3.73 19.23
CA THR A 114 -5.85 5.07 18.81
C THR A 114 -5.45 6.17 19.79
N GLY A 115 -4.52 5.88 20.69
CA GLY A 115 -4.10 6.81 21.73
C GLY A 115 -3.78 8.21 21.26
N TYR A 116 -2.72 8.36 20.46
CA TYR A 116 -2.28 9.65 19.97
C TYR A 116 -1.85 9.49 18.52
N ALA A 117 -2.62 10.09 17.59
CA ALA A 117 -2.40 9.85 16.17
C ALA A 117 -1.00 10.25 15.71
N GLN A 118 -0.31 11.11 16.48
CA GLN A 118 0.99 11.64 16.06
C GLN A 118 1.95 10.52 15.68
N MET A 119 2.12 9.53 16.56
CA MET A 119 3.00 8.41 16.27
C MET A 119 2.25 7.17 15.83
N ARG A 120 0.96 7.07 16.13
CA ARG A 120 0.18 5.92 15.68
C ARG A 120 0.00 5.92 14.18
N ARG A 121 -0.10 7.11 13.56
CA ARG A 121 -0.23 7.18 12.12
C ARG A 121 0.98 6.57 11.42
N LYS A 122 2.14 6.59 12.08
CA LYS A 122 3.30 5.89 11.55
C LYS A 122 3.05 4.40 11.47
N VAL A 123 2.43 3.83 12.50
CA VAL A 123 2.06 2.42 12.47
C VAL A 123 0.76 2.20 11.71
N GLU A 124 -0.14 3.19 11.70
CA GLU A 124 -1.41 3.09 11.00
C GLU A 124 -1.26 3.09 9.48
N LEU A 125 -0.02 3.07 8.96
CA LEU A 125 0.17 3.04 7.53
C LEU A 125 -0.33 1.74 6.90
N PHE A 126 -0.62 0.73 7.72
CA PHE A 126 -1.17 -0.53 7.25
C PHE A 126 -2.58 -0.71 7.79
N THR A 127 -3.29 -1.69 7.23
CA THR A 127 -4.69 -1.96 7.58
C THR A 127 -4.89 -3.33 8.21
N TYR A 128 -4.27 -4.37 7.68
CA TYR A 128 -4.45 -5.74 8.15
C TYR A 128 -3.16 -6.18 8.80
N MET A 129 -3.24 -6.58 10.08
CA MET A 129 -2.03 -6.74 10.88
C MET A 129 -2.24 -7.82 11.92
N ARG A 130 -1.13 -8.46 12.30
CA ARG A 130 -1.07 -9.40 13.42
C ARG A 130 0.22 -9.12 14.18
N PHE A 131 0.10 -8.69 15.43
CA PHE A 131 1.26 -8.29 16.20
C PHE A 131 1.02 -8.54 17.67
N ASP A 132 2.10 -8.49 18.45
CA ASP A 132 2.03 -8.47 19.90
C ASP A 132 2.27 -7.06 20.40
N ALA A 133 1.73 -6.76 21.58
CA ALA A 133 1.77 -5.41 22.10
C ALA A 133 2.28 -5.45 23.54
N GLU A 134 2.72 -4.29 24.03
CA GLU A 134 3.20 -4.20 25.40
C GLU A 134 2.76 -2.87 26.00
N PHE A 135 2.24 -2.93 27.22
CA PHE A 135 1.83 -1.74 27.95
C PHE A 135 2.71 -1.58 29.18
N THR A 136 3.28 -0.39 29.34
CA THR A 136 4.09 -0.07 30.50
C THR A 136 3.50 1.15 31.19
N PHE A 137 3.16 1.00 32.47
CA PHE A 137 2.67 2.10 33.28
C PHE A 137 3.71 2.42 34.34
N VAL A 138 4.33 3.60 34.23
CA VAL A 138 5.31 4.04 35.22
C VAL A 138 4.69 5.16 36.06
N ALA A 139 4.79 5.02 37.37
CA ALA A 139 4.14 5.93 38.31
C ALA A 139 5.17 6.82 38.97
N CYS A 140 4.81 8.08 39.16
CA CYS A 140 5.68 9.04 39.84
C CYS A 140 4.81 10.19 40.35
N THR A 141 5.47 11.20 40.91
CA THR A 141 4.75 12.38 41.39
C THR A 141 4.56 13.37 40.25
N PRO A 142 3.51 14.20 40.34
CA PRO A 142 3.36 15.27 39.34
C PRO A 142 4.52 16.23 39.32
N THR A 143 5.19 16.44 40.46
CA THR A 143 6.36 17.30 40.51
C THR A 143 7.57 16.66 39.84
N GLY A 144 7.64 15.33 39.81
CA GLY A 144 8.76 14.63 39.23
C GLY A 144 9.61 13.84 40.20
N GLN A 145 9.18 13.69 41.45
CA GLN A 145 9.90 12.94 42.46
C GLN A 145 9.25 11.56 42.65
N VAL A 146 9.70 10.86 43.68
CA VAL A 146 9.16 9.54 44.02
C VAL A 146 8.73 9.56 45.48
N VAL A 147 7.55 8.97 45.75
CA VAL A 147 7.00 8.91 47.09
C VAL A 147 6.52 7.49 47.37
N PRO A 148 6.85 6.92 48.55
CA PRO A 148 6.39 5.55 48.89
C PRO A 148 4.92 5.45 49.29
N GLN A 149 4.07 5.33 48.27
CA GLN A 149 2.63 5.17 48.47
C GLN A 149 2.25 3.71 48.21
N LEU A 150 0.95 3.44 48.28
CA LEU A 150 0.40 2.09 48.10
C LEU A 150 -0.53 2.11 46.89
N LEU A 151 -0.09 1.50 45.79
CA LEU A 151 -0.85 1.45 44.55
C LEU A 151 -0.87 0.03 44.02
N GLN A 152 -1.87 -0.24 43.18
CA GLN A 152 -2.01 -1.55 42.53
C GLN A 152 -2.82 -1.37 41.26
N TYR A 153 -2.76 -2.37 40.38
CA TYR A 153 -3.35 -2.30 39.06
C TYR A 153 -4.36 -3.43 38.86
N MET A 154 -5.57 -3.07 38.47
CA MET A 154 -6.63 -4.02 38.15
C MET A 154 -6.89 -3.99 36.65
N PHE A 155 -7.02 -5.16 36.04
CA PHE A 155 -7.26 -5.26 34.61
C PHE A 155 -8.74 -5.50 34.32
N VAL A 156 -9.20 -4.93 33.21
CA VAL A 156 -10.59 -5.04 32.78
C VAL A 156 -10.68 -5.84 31.49
N PRO A 157 -11.03 -7.13 31.55
CA PRO A 157 -11.17 -7.90 30.32
C PRO A 157 -12.38 -7.41 29.53
N PRO A 158 -12.37 -7.59 28.20
CA PRO A 158 -13.53 -7.19 27.40
C PRO A 158 -14.77 -7.99 27.77
N GLY A 159 -15.92 -7.34 27.69
CA GLY A 159 -17.19 -7.93 28.05
C GLY A 159 -17.65 -7.63 29.46
N ALA A 160 -16.75 -7.22 30.33
CA ALA A 160 -17.11 -6.84 31.69
C ALA A 160 -17.82 -5.49 31.70
N PRO A 161 -18.72 -5.27 32.65
CA PRO A 161 -19.38 -3.96 32.74
C PRO A 161 -18.39 -2.88 33.12
N GLU A 162 -18.63 -1.68 32.61
CA GLU A 162 -17.77 -0.54 32.91
C GLU A 162 -18.11 0.01 34.29
N PRO A 163 -17.15 0.11 35.20
CA PRO A 163 -17.46 0.57 36.55
C PRO A 163 -18.03 1.98 36.56
N ASP A 164 -19.07 2.18 37.36
CA ASP A 164 -19.68 3.49 37.54
C ASP A 164 -19.53 3.99 38.97
N SER A 165 -18.80 3.28 39.81
CA SER A 165 -18.57 3.68 41.19
C SER A 165 -17.27 3.06 41.69
N ARG A 166 -16.78 3.58 42.81
CA ARG A 166 -15.57 3.05 43.40
C ARG A 166 -15.77 1.65 43.98
N GLU A 167 -17.02 1.21 44.12
CA GLU A 167 -17.36 -0.07 44.73
C GLU A 167 -18.10 -1.00 43.78
N SER A 168 -17.88 -0.86 42.48
CA SER A 168 -18.61 -1.66 41.51
C SER A 168 -18.23 -3.13 41.61
N LEU A 169 -19.11 -3.98 41.06
CA LEU A 169 -18.83 -5.40 41.01
C LEU A 169 -17.66 -5.73 40.10
N ALA A 170 -17.31 -4.82 39.17
CA ALA A 170 -16.26 -5.10 38.20
C ALA A 170 -14.92 -5.36 38.86
N TRP A 171 -14.75 -4.96 40.12
CA TRP A 171 -13.51 -5.22 40.82
C TRP A 171 -13.28 -6.70 41.07
N GLN A 172 -14.33 -7.52 41.16
CA GLN A 172 -14.11 -8.93 41.47
C GLN A 172 -13.51 -9.67 40.27
N THR A 173 -14.06 -9.43 39.07
CA THR A 173 -13.55 -9.92 37.78
C THR A 173 -12.98 -11.34 37.91
N ALA A 174 -13.90 -12.26 38.24
CA ALA A 174 -13.53 -13.59 38.69
C ALA A 174 -12.56 -14.29 37.75
N THR A 175 -12.75 -14.15 36.43
CA THR A 175 -11.92 -14.86 35.47
C THR A 175 -10.60 -14.15 35.18
N ASN A 176 -10.34 -13.01 35.82
CA ASN A 176 -9.12 -12.26 35.58
C ASN A 176 -8.08 -12.63 36.64
N PRO A 177 -6.88 -13.10 36.24
CA PRO A 177 -5.84 -13.39 37.23
C PRO A 177 -5.31 -12.13 37.89
N SER A 178 -4.43 -12.28 38.87
CA SER A 178 -3.90 -11.16 39.63
C SER A 178 -2.40 -11.06 39.45
N VAL A 179 -1.91 -9.83 39.35
CA VAL A 179 -0.49 -9.55 39.21
C VAL A 179 0.00 -8.96 40.53
N PHE A 180 1.13 -9.47 41.01
CA PHE A 180 1.68 -9.08 42.31
C PHE A 180 2.69 -7.96 42.07
N VAL A 181 2.20 -6.72 42.12
CA VAL A 181 3.04 -5.55 41.88
C VAL A 181 2.76 -4.51 42.95
N LYS A 182 3.75 -3.65 43.19
CA LYS A 182 3.67 -2.58 44.17
C LYS A 182 4.64 -1.50 43.75
N LEU A 183 4.46 -0.29 44.30
CA LEU A 183 5.31 0.83 43.91
C LEU A 183 6.79 0.54 44.11
N SER A 184 7.12 -0.29 45.11
CA SER A 184 8.50 -0.72 45.27
C SER A 184 8.94 -1.59 44.10
N ASP A 185 8.05 -2.45 43.59
CA ASP A 185 8.36 -3.27 42.45
C ASP A 185 8.53 -2.40 41.20
N PRO A 186 9.21 -2.92 40.17
CA PRO A 186 9.34 -2.16 38.93
C PRO A 186 7.98 -1.85 38.36
N PRO A 187 7.88 -0.77 37.59
CA PRO A 187 6.56 -0.35 37.06
C PRO A 187 5.94 -1.41 36.16
N ALA A 188 4.70 -1.14 35.78
CA ALA A 188 3.90 -2.13 35.06
C ALA A 188 4.55 -2.50 33.73
N GLN A 189 4.47 -3.80 33.40
CA GLN A 189 4.98 -4.29 32.13
C GLN A 189 4.11 -5.50 31.76
N VAL A 190 3.12 -5.28 30.90
CA VAL A 190 2.12 -6.30 30.59
C VAL A 190 2.12 -6.56 29.09
N SER A 191 2.20 -7.83 28.71
CA SER A 191 2.11 -8.24 27.32
C SER A 191 0.65 -8.39 26.91
N VAL A 192 0.38 -8.06 25.65
CA VAL A 192 -0.97 -8.15 25.09
C VAL A 192 -0.90 -8.94 23.78
N PRO A 193 -1.42 -10.16 23.75
CA PRO A 193 -1.47 -10.92 22.49
C PRO A 193 -2.55 -10.41 21.55
N PHE A 194 -2.78 -11.15 20.46
CA PHE A 194 -3.68 -10.77 19.38
C PHE A 194 -5.03 -11.48 19.57
N MET A 195 -6.00 -10.80 20.18
CA MET A 195 -7.34 -11.34 20.36
C MET A 195 -8.38 -10.65 19.49
N SER A 196 -8.01 -10.31 18.26
CA SER A 196 -8.97 -9.67 17.37
C SER A 196 -10.07 -10.66 17.00
N PRO A 197 -11.33 -10.23 17.00
CA PRO A 197 -12.42 -11.12 16.55
C PRO A 197 -12.25 -11.56 15.10
N ALA A 198 -11.69 -10.70 14.26
CA ALA A 198 -11.41 -11.03 12.87
C ALA A 198 -9.93 -11.36 12.73
N SER A 199 -9.48 -11.55 11.48
CA SER A 199 -8.08 -11.86 11.23
C SER A 199 -7.17 -10.67 11.48
N ALA A 200 -7.71 -9.45 11.51
CA ALA A 200 -6.91 -8.26 11.69
C ALA A 200 -7.80 -7.14 12.21
N TYR A 201 -7.16 -6.09 12.72
CA TYR A 201 -7.89 -4.96 13.25
C TYR A 201 -8.54 -4.16 12.13
N GLN A 202 -9.79 -3.76 12.35
CA GLN A 202 -10.59 -3.05 11.35
C GLN A 202 -10.51 -1.55 11.62
N TRP A 203 -9.79 -0.85 10.75
CA TRP A 203 -9.81 0.61 10.70
C TRP A 203 -10.31 1.13 9.37
N PHE A 204 -9.70 0.70 8.27
CA PHE A 204 -10.14 1.09 6.93
C PHE A 204 -11.15 0.05 6.45
N TYR A 205 -12.36 0.14 7.00
CA TYR A 205 -13.40 -0.85 6.74
C TYR A 205 -14.73 -0.13 6.59
N ASP A 206 -15.39 -0.34 5.45
CA ASP A 206 -16.70 0.23 5.19
C ASP A 206 -17.75 -0.86 5.37
N GLY A 207 -18.46 -0.82 6.49
CA GLY A 207 -19.46 -1.83 6.78
C GLY A 207 -20.34 -1.41 7.92
N TYR A 208 -21.14 -2.36 8.39
CA TYR A 208 -22.07 -2.14 9.51
C TYR A 208 -21.90 -3.28 10.51
N PRO A 209 -21.18 -3.06 11.61
CA PRO A 209 -20.94 -4.17 12.55
C PRO A 209 -22.13 -4.55 13.41
N THR A 210 -23.30 -3.96 13.18
CA THR A 210 -24.50 -4.27 13.95
C THR A 210 -25.60 -4.75 13.01
N PHE A 211 -26.31 -5.78 13.44
CA PHE A 211 -27.38 -6.37 12.62
C PHE A 211 -28.56 -5.42 12.52
N GLY A 212 -29.37 -5.63 11.49
CA GLY A 212 -30.53 -4.80 11.21
C GLY A 212 -30.27 -3.81 10.09
N GLU A 213 -31.35 -3.16 9.66
CA GLU A 213 -31.25 -2.18 8.59
C GLU A 213 -30.42 -0.98 9.04
N HIS A 214 -29.67 -0.41 8.10
CA HIS A 214 -28.78 0.71 8.38
C HIS A 214 -29.60 2.01 8.26
N LYS A 215 -29.56 2.82 9.31
CA LYS A 215 -30.22 4.11 9.35
C LYS A 215 -29.27 5.17 9.89
N GLN A 216 -29.75 6.41 9.91
CA GLN A 216 -28.92 7.51 10.42
C GLN A 216 -28.64 7.36 11.91
N GLU A 217 -29.52 6.66 12.64
CA GLU A 217 -29.29 6.45 14.07
C GLU A 217 -28.03 5.64 14.31
N LYS A 218 -27.84 4.56 13.54
CA LYS A 218 -26.73 3.64 13.77
C LYS A 218 -25.57 3.99 12.83
N ASP A 219 -24.88 5.08 13.17
CA ASP A 219 -23.70 5.51 12.43
C ASP A 219 -22.48 5.75 13.30
N LEU A 220 -22.62 5.80 14.63
CA LEU A 220 -21.50 6.13 15.49
C LEU A 220 -20.54 4.96 15.68
N GLU A 221 -20.93 3.75 15.31
CA GLU A 221 -20.10 2.58 15.56
C GLU A 221 -18.86 2.51 14.68
N TYR A 222 -18.61 3.52 13.84
CA TYR A 222 -17.40 3.55 13.04
C TYR A 222 -16.19 3.81 13.94
N GLY A 223 -15.40 2.77 14.18
CA GLY A 223 -14.18 2.91 14.95
C GLY A 223 -14.33 2.59 16.42
N ALA A 224 -15.44 3.02 17.02
CA ALA A 224 -15.70 2.81 18.44
C ALA A 224 -16.72 1.69 18.58
N CYS A 225 -16.25 0.45 18.61
CA CYS A 225 -17.13 -0.70 18.76
C CYS A 225 -17.36 -0.98 20.23
N PRO A 226 -18.60 -0.93 20.73
CA PRO A 226 -18.81 -1.14 22.17
C PRO A 226 -18.41 -2.51 22.67
N ASN A 227 -18.55 -3.56 21.87
CA ASN A 227 -18.34 -4.92 22.36
C ASN A 227 -17.24 -5.66 21.61
N ASN A 228 -16.99 -5.30 20.35
CA ASN A 228 -15.99 -6.03 19.55
C ASN A 228 -14.58 -5.78 20.07
N MET A 229 -14.39 -4.76 20.91
CA MET A 229 -13.06 -4.37 21.34
C MET A 229 -12.48 -5.35 22.36
N MET A 230 -11.21 -5.14 22.68
CA MET A 230 -10.46 -5.98 23.60
C MET A 230 -10.49 -5.49 25.05
N GLY A 231 -11.42 -4.61 25.40
CA GLY A 231 -11.57 -4.19 26.78
C GLY A 231 -10.84 -2.91 27.11
N THR A 232 -11.02 -2.49 28.36
CA THR A 232 -10.45 -1.26 28.90
C THR A 232 -9.53 -1.60 30.08
N PHE A 233 -9.11 -0.57 30.80
CA PHE A 233 -8.31 -0.75 32.01
C PHE A 233 -8.76 0.27 33.05
N SER A 234 -8.98 -0.19 34.27
CA SER A 234 -9.42 0.67 35.37
C SER A 234 -8.34 0.70 36.44
N VAL A 235 -8.09 1.91 36.97
CA VAL A 235 -7.04 2.15 37.95
C VAL A 235 -7.64 2.90 39.13
N ARG A 236 -7.34 2.43 40.34
CA ARG A 236 -7.77 3.08 41.57
C ARG A 236 -6.84 2.62 42.69
N THR A 237 -7.13 3.07 43.91
CA THR A 237 -6.38 2.71 45.10
C THR A 237 -7.23 1.82 45.99
N VAL A 238 -6.75 0.62 46.28
CA VAL A 238 -7.49 -0.33 47.10
C VAL A 238 -6.88 -0.38 48.49
N GLY A 239 -7.73 -0.36 49.51
CA GLY A 239 -7.30 -0.56 50.88
C GLY A 239 -7.70 0.59 51.79
N THR A 240 -7.59 0.32 53.09
CA THR A 240 -7.92 1.30 54.11
C THR A 240 -6.90 2.43 54.20
N SER A 241 -5.69 2.22 53.72
CA SER A 241 -4.65 3.24 53.72
C SER A 241 -4.76 4.02 52.41
N LYS A 242 -5.39 5.18 52.46
CA LYS A 242 -5.54 6.04 51.29
C LYS A 242 -4.30 6.90 51.11
N SER A 243 -3.92 7.09 49.84
CA SER A 243 -2.70 7.82 49.53
C SER A 243 -2.85 9.29 49.88
N LYS A 244 -1.75 9.89 50.34
CA LYS A 244 -1.75 11.32 50.67
C LYS A 244 -1.02 12.16 49.63
N TYR A 245 -0.55 11.54 48.53
CA TYR A 245 0.06 12.28 47.44
C TYR A 245 -0.68 12.02 46.13
N PRO A 246 -0.88 13.05 45.31
CA PRO A 246 -1.37 12.80 43.95
C PRO A 246 -0.31 12.10 43.12
N LEU A 247 -0.75 11.40 42.08
CA LEU A 247 0.17 10.56 41.33
C LEU A 247 -0.04 10.78 39.85
N VAL A 248 0.99 10.48 39.06
CA VAL A 248 0.91 10.54 37.60
C VAL A 248 1.52 9.26 37.05
N ILE A 249 1.04 8.89 35.86
CA ILE A 249 1.45 7.68 35.18
C ILE A 249 1.92 8.07 33.78
N ARG A 250 2.91 7.35 33.25
CA ARG A 250 3.30 7.46 31.86
C ARG A 250 3.12 6.10 31.20
N ILE A 251 2.53 6.11 30.00
CA ILE A 251 2.15 4.90 29.29
C ILE A 251 3.10 4.70 28.12
N TYR A 252 3.76 3.55 28.10
CA TYR A 252 4.75 3.22 27.09
C TYR A 252 4.25 2.04 26.26
N MET A 253 4.50 2.14 24.95
CA MET A 253 3.93 1.26 23.94
C MET A 253 5.06 0.61 23.15
N ARG A 254 4.93 -0.68 22.87
CA ARG A 254 5.91 -1.38 22.05
C ARG A 254 5.25 -2.59 21.39
N MET A 255 5.70 -2.92 20.18
CA MET A 255 5.07 -3.92 19.35
C MET A 255 6.06 -5.04 18.99
N LYS A 256 5.59 -6.28 19.05
CA LYS A 256 6.40 -7.45 18.73
C LYS A 256 5.58 -8.41 17.86
N HIS A 257 6.28 -9.43 17.35
CA HIS A 257 5.70 -10.43 16.46
C HIS A 257 5.00 -9.77 15.26
N VAL A 258 5.81 -9.08 14.46
CA VAL A 258 5.30 -8.36 13.31
C VAL A 258 4.86 -9.34 12.23
N ARG A 259 3.69 -9.11 11.65
CA ARG A 259 3.23 -9.82 10.47
C ARG A 259 2.18 -8.96 9.80
N ALA A 260 2.50 -8.44 8.62
CA ALA A 260 1.69 -7.41 7.98
C ALA A 260 1.36 -7.82 6.56
N TRP A 261 0.41 -7.08 5.97
CA TRP A 261 -0.01 -7.26 4.59
C TRP A 261 -0.45 -5.90 4.06
N ILE A 262 -1.16 -5.92 2.94
CA ILE A 262 -2.00 -4.81 2.45
C ILE A 262 -1.31 -3.46 2.58
N PRO A 263 -0.30 -3.17 1.76
CA PRO A 263 0.36 -1.87 1.85
C PRO A 263 -0.61 -0.75 1.53
N ARG A 264 -0.57 0.29 2.36
CA ARG A 264 -1.43 1.45 2.18
C ARG A 264 -0.54 2.67 2.29
N PRO A 265 -0.65 3.60 1.35
CA PRO A 265 0.36 4.66 1.24
C PRO A 265 0.12 5.79 2.24
N MET A 266 1.04 6.76 2.21
CA MET A 266 1.18 7.74 3.27
C MET A 266 0.09 8.82 3.22
N ARG A 267 -0.26 9.34 4.40
CA ARG A 267 -1.29 10.36 4.54
C ARG A 267 -0.66 11.71 4.83
N ASN A 268 -1.07 12.74 4.08
CA ASN A 268 -0.56 14.09 4.26
C ASN A 268 -1.59 15.04 4.86
N GLN A 269 -2.73 14.54 5.32
CA GLN A 269 -3.78 15.38 5.89
C GLN A 269 -4.10 14.92 7.31
N ASN A 270 -5.09 15.58 7.90
CA ASN A 270 -5.48 15.34 9.28
C ASN A 270 -6.93 14.89 9.37
N TYR A 271 -7.21 14.06 10.38
CA TYR A 271 -8.56 13.61 10.67
C TYR A 271 -9.21 14.54 11.70
N LEU A 272 -10.47 14.27 12.03
CA LEU A 272 -11.14 14.92 13.14
C LEU A 272 -11.78 13.93 14.11
N PHE A 273 -12.08 12.72 13.65
CA PHE A 273 -12.48 11.62 14.52
C PHE A 273 -11.67 10.37 14.21
N LYS A 274 -12.01 9.25 14.85
CA LYS A 274 -11.31 8.00 14.62
C LYS A 274 -11.62 7.48 13.21
N ALA A 275 -10.58 7.29 12.41
CA ALA A 275 -10.70 6.74 11.05
C ALA A 275 -11.71 7.51 10.23
N ASN A 276 -11.70 8.83 10.36
CA ASN A 276 -12.65 9.69 9.67
C ASN A 276 -12.07 10.10 8.33
N PRO A 277 -12.69 9.75 7.20
CA PRO A 277 -12.13 10.14 5.89
C PRO A 277 -12.22 11.64 5.63
N ASN A 278 -12.93 12.36 6.49
CA ASN A 278 -13.05 13.80 6.35
C ASN A 278 -11.69 14.47 6.44
N TYR A 279 -11.52 15.54 5.67
CA TYR A 279 -10.25 16.24 5.58
C TYR A 279 -10.51 17.73 5.45
N ALA A 280 -9.46 18.52 5.75
CA ALA A 280 -9.53 19.98 5.62
C ALA A 280 -9.42 20.34 4.15
N GLY A 281 -10.53 20.19 3.43
CA GLY A 281 -10.53 20.46 2.00
C GLY A 281 -10.23 21.90 1.66
N ASN A 282 -10.68 22.84 2.49
CA ASN A 282 -10.44 24.26 2.22
C ASN A 282 -8.98 24.65 2.37
N PHE A 283 -8.15 23.81 2.96
CA PHE A 283 -6.73 24.12 3.18
C PHE A 283 -5.85 22.94 2.80
N ILE A 284 -6.09 22.37 1.62
CA ILE A 284 -5.28 21.26 1.14
C ILE A 284 -3.91 21.77 0.71
N LYS A 285 -2.86 21.11 1.18
CA LYS A 285 -1.49 21.47 0.85
C LYS A 285 -0.75 20.22 0.38
N PRO A 286 0.11 20.34 -0.63
CA PRO A 286 0.79 19.17 -1.16
C PRO A 286 1.74 18.54 -0.15
N THR A 287 2.12 17.29 -0.43
CA THR A 287 3.00 16.56 0.47
C THR A 287 4.39 17.17 0.55
N GLY A 288 4.74 18.04 -0.40
CA GLY A 288 6.05 18.69 -0.37
C GLY A 288 5.96 20.09 -0.93
N ALA A 289 6.89 20.93 -0.49
CA ALA A 289 6.94 22.31 -0.97
C ALA A 289 7.71 22.39 -2.28
N SER A 290 7.15 23.14 -3.23
CA SER A 290 7.74 23.33 -4.53
C SER A 290 8.41 24.71 -4.61
N ARG A 291 8.96 25.01 -5.78
CA ARG A 291 9.66 26.26 -6.01
C ARG A 291 9.19 26.88 -7.32
N THR A 292 9.41 28.18 -7.47
CA THR A 292 9.04 28.87 -8.71
C THR A 292 9.78 28.29 -9.91
N ALA A 293 10.95 27.72 -9.69
CA ALA A 293 11.70 27.06 -10.75
C ALA A 293 12.42 25.86 -10.15
N ILE A 294 12.70 24.87 -11.00
CA ILE A 294 13.38 23.66 -10.53
C ILE A 294 14.89 23.78 -10.73
N THR A 295 15.34 24.65 -11.63
CA THR A 295 16.76 24.78 -11.95
C THR A 295 17.60 25.26 -10.77
N THR A 296 17.11 26.26 -10.04
CA THR A 296 17.89 26.87 -8.96
C THR A 296 17.03 27.05 -7.73
N LEU A 297 17.65 26.92 -6.56
CA LEU A 297 16.97 27.11 -5.29
C LEU A 297 16.74 28.59 -4.99
N SER B 10 0.02 -17.40 -27.58
CA SER B 10 -1.17 -17.04 -28.34
C SER B 10 -2.43 -17.51 -27.62
N ASP B 11 -2.54 -17.16 -26.33
CA ASP B 11 -3.69 -17.55 -25.54
C ASP B 11 -4.50 -16.32 -25.16
N ARG B 12 -4.37 -15.24 -25.93
CA ARG B 12 -5.17 -14.04 -25.75
C ARG B 12 -6.45 -14.07 -26.59
N VAL B 13 -7.22 -15.15 -26.50
CA VAL B 13 -8.43 -15.32 -27.30
C VAL B 13 -9.63 -15.39 -26.37
N ALA B 14 -10.82 -15.21 -26.96
CA ALA B 14 -12.06 -15.30 -26.20
C ALA B 14 -13.20 -15.60 -27.17
N GLN B 15 -14.07 -16.53 -26.77
CA GLN B 15 -15.24 -16.90 -27.55
C GLN B 15 -16.47 -16.43 -26.78
N LEU B 16 -17.15 -15.43 -27.31
CA LEU B 16 -18.23 -14.76 -26.60
C LEU B 16 -19.38 -14.53 -27.56
N THR B 17 -20.58 -14.96 -27.19
CA THR B 17 -21.78 -14.71 -27.97
C THR B 17 -22.99 -14.94 -27.07
N ILE B 18 -23.78 -13.89 -26.85
CA ILE B 18 -24.99 -14.00 -26.04
C ILE B 18 -25.87 -12.80 -26.36
N GLY B 19 -27.17 -12.93 -26.08
CA GLY B 19 -28.10 -11.88 -26.39
C GLY B 19 -28.25 -11.68 -27.88
N ASN B 20 -27.75 -10.55 -28.39
CA ASN B 20 -27.75 -10.27 -29.82
C ASN B 20 -26.42 -9.75 -30.33
N SER B 21 -25.57 -9.19 -29.47
CA SER B 21 -24.27 -8.70 -29.89
C SER B 21 -23.21 -9.24 -28.94
N THR B 22 -21.95 -9.07 -29.33
CA THR B 22 -20.82 -9.57 -28.54
C THR B 22 -19.57 -8.85 -29.01
N ILE B 23 -18.51 -8.99 -28.23
CA ILE B 23 -17.22 -8.37 -28.53
C ILE B 23 -16.12 -9.38 -28.22
N THR B 24 -15.34 -9.73 -29.24
CA THR B 24 -14.14 -10.55 -29.09
C THR B 24 -12.98 -9.88 -29.84
N THR B 25 -11.76 -10.30 -29.52
CA THR B 25 -10.57 -9.70 -30.09
C THR B 25 -9.69 -10.78 -30.72
N GLN B 26 -8.91 -10.38 -31.72
CA GLN B 26 -7.99 -11.26 -32.41
C GLN B 26 -6.54 -10.81 -32.33
N GLU B 27 -6.30 -9.49 -32.38
CA GLU B 27 -4.95 -8.92 -32.30
C GLU B 27 -4.95 -7.76 -31.31
N ALA B 28 -5.45 -8.01 -30.11
CA ALA B 28 -5.58 -6.98 -29.09
C ALA B 28 -4.23 -6.71 -28.45
N ALA B 29 -4.23 -6.00 -27.32
CA ALA B 29 -3.01 -5.54 -26.67
C ALA B 29 -2.52 -6.51 -25.61
N ASN B 30 -2.69 -7.81 -25.84
CA ASN B 30 -2.18 -8.87 -24.97
C ASN B 30 -2.87 -8.84 -23.61
N ILE B 31 -2.33 -9.59 -22.65
CA ILE B 31 -2.99 -9.82 -21.37
C ILE B 31 -1.98 -9.66 -20.24
N ILE B 32 -2.47 -9.58 -19.01
CA ILE B 32 -1.66 -9.46 -17.82
C ILE B 32 -1.91 -10.68 -16.94
N VAL B 33 -0.83 -11.35 -16.53
CA VAL B 33 -0.93 -12.57 -15.76
C VAL B 33 -0.88 -12.23 -14.28
N GLY B 34 -1.42 -13.13 -13.45
CA GLY B 34 -1.47 -12.88 -12.02
C GLY B 34 -0.97 -14.00 -11.14
N TYR B 35 0.10 -13.74 -10.40
CA TYR B 35 0.55 -14.52 -9.26
C TYR B 35 1.18 -15.87 -9.64
N GLY B 36 1.16 -16.22 -10.92
CA GLY B 36 1.75 -17.47 -11.38
C GLY B 36 1.29 -18.67 -10.59
N GLU B 37 0.01 -19.02 -10.72
CA GLU B 37 -0.63 -19.91 -9.75
C GLU B 37 -1.43 -21.04 -10.39
N TRP B 38 -2.07 -21.85 -9.56
CA TRP B 38 -2.86 -23.01 -9.96
C TRP B 38 -4.33 -22.75 -9.73
N PRO B 39 -5.21 -23.40 -10.51
CA PRO B 39 -6.65 -23.30 -10.25
C PRO B 39 -7.04 -24.06 -8.99
N SER B 40 -8.15 -23.62 -8.38
CA SER B 40 -8.64 -24.22 -7.16
C SER B 40 -10.03 -23.70 -6.84
N TYR B 41 -10.77 -24.46 -6.04
CA TYR B 41 -12.00 -23.98 -5.43
C TYR B 41 -11.66 -23.28 -4.12
N CYS B 42 -12.67 -22.96 -3.31
CA CYS B 42 -12.48 -22.18 -2.10
C CYS B 42 -12.66 -23.06 -0.86
N SER B 43 -12.13 -22.57 0.26
CA SER B 43 -12.15 -23.33 1.50
C SER B 43 -13.57 -23.69 1.90
N ASP B 44 -13.77 -24.94 2.32
CA ASP B 44 -15.10 -25.47 2.60
C ASP B 44 -15.26 -25.99 4.02
N SER B 45 -14.19 -26.41 4.68
CA SER B 45 -14.28 -27.08 5.97
C SER B 45 -14.04 -26.14 7.16
N ASP B 46 -14.42 -24.87 7.04
CA ASP B 46 -14.26 -23.92 8.13
C ASP B 46 -15.46 -23.02 8.35
N ALA B 47 -16.59 -23.27 7.71
CA ALA B 47 -17.77 -22.42 7.85
C ALA B 47 -18.48 -22.69 9.17
N THR B 48 -19.46 -21.84 9.48
CA THR B 48 -20.25 -22.02 10.70
C THR B 48 -21.05 -23.32 10.63
N ALA B 49 -21.64 -23.62 9.48
CA ALA B 49 -22.35 -24.87 9.31
C ALA B 49 -21.45 -25.90 8.64
N VAL B 50 -21.98 -27.11 8.48
CA VAL B 50 -21.23 -28.22 7.90
C VAL B 50 -21.92 -28.84 6.69
N ASP B 51 -22.97 -28.20 6.16
CA ASP B 51 -23.68 -28.77 5.03
C ASP B 51 -22.81 -28.77 3.77
N LYS B 52 -23.10 -29.71 2.88
CA LYS B 52 -22.32 -29.86 1.66
C LYS B 52 -22.54 -28.67 0.73
N PRO B 53 -21.50 -28.24 0.03
CA PRO B 53 -21.64 -27.14 -0.93
C PRO B 53 -22.14 -27.65 -2.28
N THR B 54 -22.41 -26.69 -3.17
CA THR B 54 -22.87 -26.98 -4.53
C THR B 54 -21.98 -26.25 -5.53
N ARG B 55 -22.38 -26.28 -6.79
CA ARG B 55 -21.57 -25.72 -7.87
C ARG B 55 -22.49 -25.22 -8.98
N PRO B 56 -22.79 -23.92 -9.00
CA PRO B 56 -23.70 -23.39 -10.02
C PRO B 56 -23.17 -23.50 -11.44
N ASP B 57 -21.86 -23.68 -11.61
CA ASP B 57 -21.24 -23.93 -12.90
C ASP B 57 -21.30 -22.71 -13.82
N VAL B 58 -21.70 -22.92 -15.06
CA VAL B 58 -21.63 -21.90 -16.11
C VAL B 58 -23.02 -21.46 -16.57
N SER B 59 -23.99 -21.46 -15.66
CA SER B 59 -25.38 -21.24 -16.05
C SER B 59 -25.61 -19.88 -16.70
N VAL B 60 -25.13 -18.80 -16.07
CA VAL B 60 -25.50 -17.46 -16.50
C VAL B 60 -24.29 -16.54 -16.68
N ASN B 61 -23.08 -16.98 -16.39
CA ASN B 61 -21.91 -16.11 -16.46
C ASN B 61 -21.59 -15.76 -17.90
N ARG B 62 -21.86 -14.51 -18.29
CA ARG B 62 -21.51 -14.01 -19.61
C ARG B 62 -21.53 -12.50 -19.55
N PHE B 63 -20.95 -11.88 -20.58
CA PHE B 63 -20.69 -10.44 -20.58
C PHE B 63 -21.87 -9.64 -21.14
N TYR B 64 -22.40 -8.75 -20.32
CA TYR B 64 -23.18 -7.60 -20.78
C TYR B 64 -22.49 -6.32 -20.30
N THR B 65 -22.32 -5.37 -21.21
CA THR B 65 -21.71 -4.10 -20.85
C THR B 65 -22.60 -3.35 -19.86
N LEU B 66 -21.97 -2.68 -18.90
CA LEU B 66 -22.74 -1.98 -17.88
C LEU B 66 -22.81 -0.48 -18.10
N ASP B 67 -21.82 0.09 -18.76
CA ASP B 67 -21.80 1.52 -19.07
C ASP B 67 -20.71 1.77 -20.10
N THR B 68 -20.89 2.81 -20.89
CA THR B 68 -19.90 3.25 -21.87
C THR B 68 -19.52 4.68 -21.48
N LYS B 69 -18.54 4.79 -20.58
CA LYS B 69 -18.22 6.07 -19.97
C LYS B 69 -17.52 7.00 -20.95
N LEU B 70 -17.99 8.25 -20.99
CA LEU B 70 -17.42 9.25 -21.88
C LEU B 70 -16.23 9.94 -21.22
N TRP B 71 -15.27 10.34 -22.05
CA TRP B 71 -14.12 11.13 -21.64
C TRP B 71 -14.12 12.46 -22.37
N GLU B 72 -14.06 13.55 -21.61
CA GLU B 72 -14.26 14.88 -22.18
C GLU B 72 -13.10 15.81 -21.87
N LYS B 73 -13.25 17.06 -22.29
CA LYS B 73 -12.23 18.08 -22.07
C LYS B 73 -11.97 18.30 -20.58
N SER B 74 -13.04 18.36 -19.79
CA SER B 74 -12.92 18.71 -18.38
C SER B 74 -13.29 17.53 -17.50
N SER B 75 -12.83 16.35 -17.87
CA SER B 75 -13.06 15.17 -17.04
C SER B 75 -12.43 15.35 -15.67
N LYS B 76 -13.18 15.07 -14.62
CA LYS B 76 -12.70 15.22 -13.26
C LYS B 76 -12.46 13.89 -12.58
N GLY B 77 -13.11 12.82 -13.03
CA GLY B 77 -12.89 11.49 -12.48
C GLY B 77 -14.17 10.74 -12.18
N TRP B 78 -14.14 9.42 -12.28
CA TRP B 78 -15.29 8.59 -11.98
C TRP B 78 -14.82 7.29 -11.36
N TYR B 79 -15.78 6.48 -10.91
CA TYR B 79 -15.46 5.17 -10.36
C TYR B 79 -16.75 4.36 -10.29
N TRP B 80 -16.64 3.17 -9.69
CA TRP B 80 -17.76 2.26 -9.51
C TRP B 80 -17.63 1.60 -8.15
N LYS B 81 -18.64 0.81 -7.79
CA LYS B 81 -18.65 0.06 -6.54
C LYS B 81 -18.76 -1.43 -6.86
N PHE B 82 -17.81 -2.22 -6.36
CA PHE B 82 -17.71 -3.63 -6.65
C PHE B 82 -18.08 -4.44 -5.42
N PRO B 83 -18.96 -5.43 -5.52
CA PRO B 83 -19.66 -5.82 -6.75
C PRO B 83 -21.07 -5.23 -6.84
N ASP B 84 -21.21 -3.98 -6.40
CA ASP B 84 -22.52 -3.33 -6.42
C ASP B 84 -23.04 -3.06 -7.82
N VAL B 85 -22.19 -3.21 -8.85
CA VAL B 85 -22.60 -2.88 -10.21
C VAL B 85 -23.71 -3.82 -10.70
N LEU B 86 -23.57 -5.12 -10.45
CA LEU B 86 -24.54 -6.10 -10.90
C LEU B 86 -25.29 -6.78 -9.77
N THR B 87 -25.18 -6.28 -8.54
CA THR B 87 -25.87 -6.90 -7.41
C THR B 87 -27.38 -6.69 -7.44
N GLU B 88 -27.87 -5.79 -8.29
CA GLU B 88 -29.28 -5.41 -8.26
C GLU B 88 -30.02 -5.73 -9.55
N THR B 89 -29.33 -6.16 -10.61
CA THR B 89 -29.97 -6.36 -11.90
C THR B 89 -29.63 -7.73 -12.44
N GLY B 90 -30.58 -8.33 -13.14
CA GLY B 90 -30.39 -9.62 -13.78
C GLY B 90 -30.60 -10.78 -12.83
N VAL B 91 -30.67 -11.98 -13.43
CA VAL B 91 -30.82 -13.20 -12.64
C VAL B 91 -29.66 -13.35 -11.67
N PHE B 92 -28.48 -12.86 -12.04
CA PHE B 92 -27.40 -12.73 -11.08
C PHE B 92 -27.78 -11.79 -9.95
N GLY B 93 -28.50 -10.71 -10.27
CA GLY B 93 -28.95 -9.80 -9.24
C GLY B 93 -29.88 -10.47 -8.24
N GLN B 94 -30.88 -11.20 -8.72
CA GLN B 94 -31.78 -11.90 -7.81
C GLN B 94 -31.05 -12.98 -7.03
N ASN B 95 -30.15 -13.71 -7.69
CA ASN B 95 -29.40 -14.75 -6.99
C ASN B 95 -28.57 -14.15 -5.86
N ALA B 96 -27.87 -13.05 -6.13
CA ALA B 96 -27.09 -12.39 -5.09
C ALA B 96 -27.99 -11.84 -3.99
N GLN B 97 -29.19 -11.37 -4.34
CA GLN B 97 -30.09 -10.85 -3.32
C GLN B 97 -30.58 -11.95 -2.38
N PHE B 98 -30.96 -13.10 -2.94
CA PHE B 98 -31.50 -14.17 -2.11
C PHE B 98 -30.44 -15.15 -1.61
N HIS B 99 -29.17 -14.91 -1.88
CA HIS B 99 -28.10 -15.81 -1.46
C HIS B 99 -27.07 -15.01 -0.68
N TYR B 100 -26.54 -15.62 0.38
CA TYR B 100 -25.77 -14.83 1.34
C TYR B 100 -24.28 -14.81 1.04
N LEU B 101 -23.70 -15.92 0.56
CA LEU B 101 -22.27 -16.00 0.35
C LEU B 101 -21.94 -16.14 -1.13
N TYR B 102 -20.90 -15.42 -1.56
CA TYR B 102 -20.55 -15.35 -2.97
C TYR B 102 -19.04 -15.43 -3.11
N ARG B 103 -18.58 -16.06 -4.20
CA ARG B 103 -17.15 -16.03 -4.53
C ARG B 103 -16.91 -16.47 -5.97
N SER B 104 -16.04 -15.76 -6.68
CA SER B 104 -15.73 -16.07 -8.07
C SER B 104 -14.50 -15.29 -8.51
N GLY B 105 -13.89 -15.75 -9.61
CA GLY B 105 -12.84 -15.03 -10.28
C GLY B 105 -13.40 -14.07 -11.32
N PHE B 106 -12.49 -13.30 -11.94
CA PHE B 106 -12.91 -12.26 -12.86
C PHE B 106 -11.87 -12.08 -13.96
N CYS B 107 -12.32 -11.53 -15.10
CA CYS B 107 -11.47 -11.16 -16.22
C CYS B 107 -11.96 -9.82 -16.75
N ILE B 108 -11.37 -8.73 -16.27
CA ILE B 108 -11.83 -7.39 -16.63
C ILE B 108 -11.25 -7.02 -17.99
N HIS B 109 -12.13 -6.61 -18.90
CA HIS B 109 -11.74 -6.20 -20.24
C HIS B 109 -12.40 -4.87 -20.54
N VAL B 110 -11.63 -3.79 -20.55
CA VAL B 110 -12.15 -2.47 -20.84
C VAL B 110 -11.78 -2.08 -22.26
N GLN B 111 -12.76 -1.63 -23.03
CA GLN B 111 -12.55 -1.23 -24.42
C GLN B 111 -12.25 0.27 -24.45
N CYS B 112 -11.08 0.62 -24.99
CA CYS B 112 -10.65 2.02 -25.00
C CYS B 112 -9.86 2.27 -26.29
N ASN B 113 -10.51 2.94 -27.25
CA ASN B 113 -9.89 3.24 -28.53
C ASN B 113 -9.82 4.75 -28.73
N ALA B 114 -8.79 5.17 -29.47
CA ALA B 114 -8.64 6.56 -29.86
C ALA B 114 -8.28 6.60 -31.34
N SER B 115 -8.65 7.71 -31.99
CA SER B 115 -8.47 7.83 -33.41
C SER B 115 -7.11 8.45 -33.73
N LYS B 116 -6.86 8.63 -35.03
CA LYS B 116 -5.66 9.32 -35.47
C LYS B 116 -5.60 10.75 -34.94
N PHE B 117 -6.74 11.45 -34.96
CA PHE B 117 -6.78 12.82 -34.49
C PHE B 117 -6.46 12.91 -33.00
N HIS B 118 -6.98 11.98 -32.22
CA HIS B 118 -7.01 12.15 -30.77
C HIS B 118 -5.65 11.89 -30.15
N GLN B 119 -5.34 12.62 -29.09
CA GLN B 119 -4.17 12.36 -28.26
C GLN B 119 -4.61 12.44 -26.81
N GLY B 120 -3.93 11.69 -25.93
CA GLY B 120 -4.23 11.70 -24.52
C GLY B 120 -4.11 10.33 -23.90
N ALA B 121 -4.33 10.29 -22.59
CA ALA B 121 -4.28 9.05 -21.84
C ALA B 121 -5.24 9.14 -20.66
N LEU B 122 -5.60 7.98 -20.14
CA LEU B 122 -6.50 7.87 -18.99
C LEU B 122 -5.77 7.19 -17.84
N LEU B 123 -6.19 7.50 -16.63
CA LEU B 123 -5.65 6.88 -15.43
C LEU B 123 -6.73 5.97 -14.84
N VAL B 124 -6.76 4.73 -15.30
CA VAL B 124 -7.69 3.73 -14.80
C VAL B 124 -6.95 2.85 -13.81
N ALA B 125 -7.37 2.89 -12.56
CA ALA B 125 -6.75 2.09 -11.51
C ALA B 125 -7.84 1.30 -10.79
N VAL B 126 -7.65 -0.01 -10.75
CA VAL B 126 -8.47 -0.88 -9.90
C VAL B 126 -7.84 -0.87 -8.51
N LEU B 127 -8.64 -0.52 -7.51
CA LEU B 127 -8.17 -0.40 -6.14
C LEU B 127 -8.96 -1.36 -5.27
N PRO B 128 -8.39 -2.49 -4.88
CA PRO B 128 -9.12 -3.41 -4.02
C PRO B 128 -9.19 -2.88 -2.59
N GLU B 129 -10.04 -3.53 -1.79
CA GLU B 129 -10.17 -3.30 -0.35
C GLU B 129 -10.37 -1.83 0.01
N TYR B 130 -10.63 -0.98 -0.97
CA TYR B 130 -10.61 0.46 -0.74
C TYR B 130 -11.85 0.87 0.06
N VAL B 131 -11.62 1.37 1.28
CA VAL B 131 -12.71 2.04 2.00
C VAL B 131 -13.04 3.32 1.26
N ILE B 132 -14.29 3.45 0.83
CA ILE B 132 -14.65 4.49 -0.12
C ILE B 132 -14.52 5.86 0.54
N GLY B 133 -13.90 6.79 -0.18
CA GLY B 133 -13.86 8.17 0.28
C GLY B 133 -15.07 8.92 -0.23
N SER B 134 -16.09 9.03 0.60
CA SER B 134 -17.36 9.61 0.18
C SER B 134 -17.29 11.13 0.25
N VAL B 135 -18.37 11.78 -0.19
CA VAL B 135 -18.48 13.23 -0.09
C VAL B 135 -18.49 13.64 1.38
N ALA B 136 -19.29 12.97 2.20
CA ALA B 136 -19.36 13.21 3.64
C ALA B 136 -19.61 14.68 3.95
N GLY B 137 -20.53 15.28 3.20
CA GLY B 137 -20.81 16.70 3.33
C GLY B 137 -19.85 17.61 2.61
N GLY B 138 -18.85 17.06 1.91
CA GLY B 138 -17.87 17.88 1.22
C GLY B 138 -16.85 18.43 2.20
N THR B 139 -17.28 19.39 3.02
CA THR B 139 -16.41 19.91 4.07
C THR B 139 -16.31 18.93 5.24
N GLY B 140 -17.46 18.44 5.69
CA GLY B 140 -17.51 17.49 6.78
C GLY B 140 -17.44 18.08 8.17
N THR B 141 -17.26 19.39 8.30
CA THR B 141 -17.19 20.02 9.62
C THR B 141 -18.55 20.15 10.29
N GLU B 142 -19.62 20.23 9.51
CA GLU B 142 -20.97 20.33 10.05
C GLU B 142 -21.66 18.97 9.87
N ASP B 143 -22.27 18.48 10.95
CA ASP B 143 -22.79 17.11 10.98
C ASP B 143 -24.09 17.05 10.17
N THR B 144 -23.93 17.01 8.85
CA THR B 144 -25.02 16.72 7.92
C THR B 144 -24.62 15.50 7.12
N HIS B 145 -25.10 14.33 7.55
CA HIS B 145 -24.64 13.07 7.01
C HIS B 145 -25.00 12.94 5.54
N PRO B 146 -24.11 12.36 4.74
CA PRO B 146 -24.41 12.12 3.32
C PRO B 146 -25.63 11.24 3.18
N PRO B 147 -26.53 11.58 2.25
CA PRO B 147 -27.74 10.77 2.08
C PRO B 147 -27.45 9.44 1.42
N TYR B 148 -28.50 8.62 1.30
CA TYR B 148 -28.38 7.32 0.65
C TYR B 148 -28.17 7.43 -0.85
N LYS B 149 -28.34 8.61 -1.44
CA LYS B 149 -28.14 8.78 -2.87
C LYS B 149 -26.66 8.73 -3.26
N GLN B 150 -25.76 8.54 -2.30
CA GLN B 150 -24.36 8.29 -2.58
C GLN B 150 -23.86 6.96 -2.04
N THR B 151 -24.72 6.19 -1.37
CA THR B 151 -24.35 4.84 -0.94
C THR B 151 -24.79 3.78 -1.93
N GLN B 152 -25.95 3.95 -2.55
CA GLN B 152 -26.47 3.01 -3.55
C GLN B 152 -26.83 3.79 -4.81
N PRO B 153 -25.84 4.27 -5.56
CA PRO B 153 -26.13 5.06 -6.76
C PRO B 153 -26.78 4.24 -7.86
N GLY B 154 -26.45 2.95 -7.95
CA GLY B 154 -27.01 2.09 -8.96
C GLY B 154 -26.09 1.81 -10.12
N ALA B 155 -26.63 1.80 -11.34
CA ALA B 155 -25.83 1.51 -12.52
C ALA B 155 -25.10 2.72 -13.06
N ASP B 156 -25.27 3.89 -12.43
CA ASP B 156 -24.66 5.12 -12.92
C ASP B 156 -23.28 5.38 -12.31
N GLY B 157 -22.96 4.73 -11.19
CA GLY B 157 -21.72 5.04 -10.50
C GLY B 157 -21.82 6.35 -9.75
N PHE B 158 -20.68 6.94 -9.44
CA PHE B 158 -20.68 8.21 -8.74
C PHE B 158 -19.41 8.98 -9.08
N GLU B 159 -19.48 10.30 -8.94
CA GLU B 159 -18.43 11.21 -9.35
C GLU B 159 -17.51 11.54 -8.19
N LEU B 160 -16.21 11.28 -8.37
CA LEU B 160 -15.22 11.56 -7.34
C LEU B 160 -14.86 13.04 -7.34
N GLN B 161 -14.61 13.58 -6.15
CA GLN B 161 -14.48 15.02 -5.97
C GLN B 161 -13.10 15.54 -6.35
N HIS B 162 -12.05 15.07 -5.67
CA HIS B 162 -10.70 15.60 -5.87
C HIS B 162 -9.76 14.54 -6.39
N PRO B 163 -9.21 14.71 -7.60
CA PRO B 163 -8.29 13.71 -8.16
C PRO B 163 -7.06 13.43 -7.32
N TYR B 164 -6.22 14.44 -7.09
CA TYR B 164 -4.91 14.16 -6.50
C TYR B 164 -4.96 13.85 -5.02
N VAL B 165 -6.14 13.76 -4.41
CA VAL B 165 -6.28 13.19 -3.06
C VAL B 165 -7.29 12.07 -3.00
N LEU B 166 -7.97 11.76 -4.10
CA LEU B 166 -8.95 10.66 -4.15
C LEU B 166 -9.99 10.79 -3.04
N ASP B 167 -10.37 12.02 -2.71
CA ASP B 167 -11.37 12.34 -1.69
C ASP B 167 -10.98 11.84 -0.30
N ALA B 168 -9.75 11.36 -0.12
CA ALA B 168 -9.33 10.84 1.17
C ALA B 168 -7.92 11.26 1.55
N GLY B 169 -7.29 12.15 0.79
CA GLY B 169 -5.92 12.52 1.03
C GLY B 169 -4.91 11.69 0.27
N ILE B 170 -5.31 11.08 -0.84
CA ILE B 170 -4.50 10.08 -1.53
C ILE B 170 -3.70 10.78 -2.62
N PRO B 171 -2.44 11.14 -2.39
CA PRO B 171 -1.65 11.76 -3.46
C PRO B 171 -1.47 10.84 -4.65
N ILE B 172 -1.48 11.43 -5.84
CA ILE B 172 -1.60 10.64 -7.07
C ILE B 172 -0.35 9.80 -7.34
N SER B 173 0.84 10.40 -7.20
CA SER B 173 2.07 9.72 -7.60
C SER B 173 2.30 8.44 -6.80
N GLN B 174 1.64 8.30 -5.66
CA GLN B 174 1.73 7.13 -4.80
C GLN B 174 0.52 6.20 -4.94
N LEU B 175 -0.07 6.12 -6.13
CA LEU B 175 -1.03 5.08 -6.46
C LEU B 175 -0.39 3.86 -7.12
N THR B 176 0.93 3.80 -7.21
CA THR B 176 1.60 2.80 -8.04
C THR B 176 1.44 1.38 -7.51
N VAL B 177 0.94 1.22 -6.28
CA VAL B 177 0.89 -0.12 -5.68
C VAL B 177 -0.02 -1.05 -6.48
N CYS B 178 -1.18 -0.55 -6.89
CA CYS B 178 -2.12 -1.40 -7.61
C CYS B 178 -1.64 -1.65 -9.03
N PRO B 179 -2.16 -2.69 -9.69
CA PRO B 179 -1.88 -2.87 -11.12
C PRO B 179 -2.14 -1.60 -11.89
N HIS B 180 -1.11 -1.06 -12.53
CA HIS B 180 -1.17 0.24 -13.18
C HIS B 180 -1.23 0.04 -14.69
N GLN B 181 -2.12 0.79 -15.33
CA GLN B 181 -2.35 0.67 -16.76
C GLN B 181 -2.29 2.05 -17.41
N TRP B 182 -1.94 2.05 -18.70
CA TRP B 182 -1.90 3.25 -19.52
C TRP B 182 -2.83 3.08 -20.70
N ILE B 183 -3.51 4.15 -21.09
CA ILE B 183 -4.37 4.16 -22.27
C ILE B 183 -3.73 5.07 -23.31
N ASN B 184 -3.13 4.48 -24.33
CA ASN B 184 -2.52 5.25 -25.42
C ASN B 184 -2.61 4.45 -26.71
N LEU B 185 -2.76 5.17 -27.82
CA LEU B 185 -2.77 4.53 -29.14
C LEU B 185 -1.45 3.85 -29.44
N ARG B 186 -0.35 4.32 -28.86
CA ARG B 186 0.88 3.51 -28.85
C ARG B 186 0.69 2.25 -28.03
N THR B 187 0.05 2.34 -26.87
CA THR B 187 0.02 1.25 -25.92
C THR B 187 -1.03 0.20 -26.23
N ASN B 188 -2.31 0.56 -26.18
CA ASN B 188 -3.38 -0.41 -26.17
C ASN B 188 -4.60 0.09 -26.94
N ASN B 189 -5.25 -0.81 -27.66
CA ASN B 189 -6.60 -0.60 -28.17
C ASN B 189 -7.66 -0.98 -27.14
N CYS B 190 -7.25 -1.61 -26.04
CA CYS B 190 -8.12 -2.03 -24.95
C CYS B 190 -7.22 -2.55 -23.84
N ALA B 191 -7.71 -2.49 -22.61
CA ALA B 191 -6.93 -2.85 -21.44
C ALA B 191 -7.53 -4.06 -20.74
N THR B 192 -6.66 -4.85 -20.12
CA THR B 192 -7.05 -6.07 -19.42
C THR B 192 -6.61 -5.95 -17.97
N ILE B 193 -7.50 -6.34 -17.05
CA ILE B 193 -7.23 -6.30 -15.62
C ILE B 193 -7.62 -7.64 -15.03
N ILE B 194 -6.76 -8.17 -14.16
CA ILE B 194 -6.96 -9.47 -13.53
C ILE B 194 -6.94 -9.28 -12.02
N VAL B 195 -8.01 -9.73 -11.37
CA VAL B 195 -8.07 -9.68 -9.91
C VAL B 195 -8.82 -10.91 -9.37
N PRO B 196 -8.25 -11.63 -8.41
CA PRO B 196 -8.98 -12.71 -7.76
C PRO B 196 -9.78 -12.21 -6.56
N TYR B 197 -10.37 -13.17 -5.84
CA TYR B 197 -11.22 -12.87 -4.69
C TYR B 197 -10.36 -12.81 -3.43
N ILE B 198 -10.29 -11.63 -2.82
CA ILE B 198 -9.54 -11.43 -1.59
C ILE B 198 -10.44 -10.74 -0.58
N ASN B 199 -10.47 -11.27 0.64
CA ASN B 199 -11.16 -10.63 1.76
C ASN B 199 -10.45 -11.01 3.05
N ALA B 200 -10.42 -10.06 3.98
CA ALA B 200 -9.83 -10.32 5.29
C ALA B 200 -10.65 -11.30 6.12
N LEU B 201 -11.89 -11.55 5.74
CA LEU B 201 -12.78 -12.48 6.41
C LEU B 201 -13.41 -13.42 5.39
N PRO B 202 -13.67 -14.68 5.77
CA PRO B 202 -14.11 -15.65 4.76
C PRO B 202 -15.51 -15.43 4.24
N PHE B 203 -16.47 -15.06 5.09
CA PHE B 203 -17.87 -15.01 4.70
C PHE B 203 -18.50 -13.70 5.13
N ASP B 204 -19.29 -13.11 4.23
CA ASP B 204 -19.97 -11.85 4.48
C ASP B 204 -21.16 -11.74 3.54
N SER B 205 -22.04 -10.79 3.86
CA SER B 205 -23.23 -10.53 3.07
C SER B 205 -22.93 -9.54 1.96
N ALA B 206 -23.78 -9.53 0.95
CA ALA B 206 -23.61 -8.67 -0.22
C ALA B 206 -24.21 -7.28 -0.04
N LEU B 207 -24.92 -7.02 1.06
CA LEU B 207 -25.53 -5.72 1.29
C LEU B 207 -24.85 -4.91 2.39
N ASN B 208 -24.18 -5.57 3.34
CA ASN B 208 -23.56 -4.85 4.44
C ASN B 208 -22.15 -4.40 4.07
N HIS B 209 -21.31 -5.34 3.65
CA HIS B 209 -19.90 -5.06 3.38
C HIS B 209 -19.71 -4.62 1.93
N CYS B 210 -18.80 -3.69 1.72
CA CYS B 210 -18.40 -3.27 0.38
C CYS B 210 -16.95 -3.71 0.16
N ASN B 211 -16.73 -4.47 -0.92
CA ASN B 211 -15.40 -5.00 -1.17
C ASN B 211 -14.45 -3.91 -1.64
N PHE B 212 -14.71 -3.34 -2.81
CA PHE B 212 -13.87 -2.30 -3.39
C PHE B 212 -14.63 -1.68 -4.55
N GLY B 213 -13.93 -0.85 -5.33
CA GLY B 213 -14.48 -0.33 -6.57
C GLY B 213 -13.37 0.05 -7.52
N LEU B 214 -13.76 0.39 -8.74
CA LEU B 214 -12.82 0.89 -9.73
C LEU B 214 -12.48 2.35 -9.41
N LEU B 215 -11.54 2.91 -10.17
CA LEU B 215 -11.28 4.34 -10.14
C LEU B 215 -10.78 4.76 -11.52
N VAL B 216 -11.31 5.86 -12.03
CA VAL B 216 -10.78 6.44 -13.25
C VAL B 216 -10.64 7.95 -13.07
N VAL B 217 -9.41 8.44 -13.27
CA VAL B 217 -9.11 9.86 -13.33
C VAL B 217 -8.17 10.07 -14.51
N PRO B 218 -8.47 10.99 -15.42
CA PRO B 218 -7.60 11.19 -16.59
C PRO B 218 -6.23 11.68 -16.19
N ILE B 219 -5.23 10.83 -16.43
CA ILE B 219 -3.85 11.22 -16.15
C ILE B 219 -3.44 12.40 -17.03
N SER B 220 -3.93 12.44 -18.25
CA SER B 220 -3.66 13.54 -19.16
C SER B 220 -4.97 14.19 -19.59
N PRO B 221 -5.00 15.53 -19.65
CA PRO B 221 -6.21 16.21 -20.13
C PRO B 221 -6.50 15.87 -21.59
N LEU B 222 -7.78 15.78 -21.91
CA LEU B 222 -8.19 15.52 -23.28
C LEU B 222 -7.98 16.78 -24.12
N ASP B 223 -7.35 16.62 -25.28
CA ASP B 223 -7.09 17.76 -26.14
C ASP B 223 -7.29 17.35 -27.59
N TYR B 224 -7.70 18.31 -28.40
CA TYR B 224 -7.86 18.13 -29.84
C TYR B 224 -8.10 19.50 -30.46
N ASP B 225 -7.62 19.67 -31.68
CA ASP B 225 -7.93 20.88 -32.44
C ASP B 225 -9.42 20.94 -32.74
N GLN B 226 -9.99 22.14 -32.63
CA GLN B 226 -11.43 22.30 -32.78
C GLN B 226 -11.88 21.79 -34.14
N GLY B 227 -12.97 21.01 -34.13
CA GLY B 227 -13.48 20.35 -35.32
C GLY B 227 -13.54 18.85 -35.22
N ALA B 228 -13.08 18.27 -34.11
CA ALA B 228 -13.10 16.83 -33.91
C ALA B 228 -14.15 16.47 -32.86
N THR B 229 -14.22 15.19 -32.51
CA THR B 229 -15.19 14.74 -31.52
C THR B 229 -14.81 15.25 -30.15
N PRO B 230 -15.75 15.81 -29.38
CA PRO B 230 -15.37 16.34 -28.06
C PRO B 230 -15.22 15.27 -27.00
N VAL B 231 -16.03 14.22 -27.04
CA VAL B 231 -16.02 13.20 -25.99
C VAL B 231 -15.53 11.89 -26.56
N ILE B 232 -15.00 11.04 -25.67
CA ILE B 232 -14.49 9.72 -26.04
C ILE B 232 -15.18 8.67 -25.20
N PRO B 233 -16.01 7.80 -25.79
CA PRO B 233 -16.66 6.74 -25.01
C PRO B 233 -15.68 5.63 -24.66
N ILE B 234 -15.83 5.09 -23.44
CA ILE B 234 -15.06 3.94 -22.98
C ILE B 234 -16.04 2.90 -22.45
N THR B 235 -15.96 1.68 -22.98
CA THR B 235 -16.90 0.61 -22.67
C THR B 235 -16.32 -0.33 -21.63
N ILE B 236 -17.19 -0.81 -20.74
CA ILE B 236 -16.80 -1.78 -19.71
C ILE B 236 -17.87 -2.85 -19.56
N THR B 237 -17.40 -4.10 -19.49
CA THR B 237 -18.22 -5.26 -19.19
C THR B 237 -17.41 -6.21 -18.34
N LEU B 238 -18.10 -7.08 -17.61
CA LEU B 238 -17.45 -8.09 -16.78
C LEU B 238 -18.37 -9.29 -16.62
N ALA B 239 -17.75 -10.47 -16.54
CA ALA B 239 -18.45 -11.73 -16.32
C ALA B 239 -17.61 -12.63 -15.43
N PRO B 240 -18.04 -12.87 -14.19
CA PRO B 240 -17.25 -13.72 -13.30
C PRO B 240 -17.15 -15.14 -13.82
N MET B 241 -15.95 -15.71 -13.70
CA MET B 241 -15.67 -17.07 -14.16
C MET B 241 -15.79 -18.04 -13.00
N CYS B 242 -16.52 -19.14 -13.21
CA CYS B 242 -16.66 -20.22 -12.25
C CYS B 242 -17.12 -19.69 -10.90
N SER B 243 -18.32 -19.11 -10.93
CA SER B 243 -18.92 -18.49 -9.76
C SER B 243 -19.56 -19.55 -8.87
N GLU B 244 -19.33 -19.44 -7.57
CA GLU B 244 -19.95 -20.33 -6.61
C GLU B 244 -20.56 -19.53 -5.47
N PHE B 245 -21.80 -19.87 -5.11
CA PHE B 245 -22.55 -19.19 -4.06
C PHE B 245 -22.87 -20.17 -2.95
N ALA B 246 -22.59 -19.75 -1.71
CA ALA B 246 -22.92 -20.52 -0.53
C ALA B 246 -23.99 -19.78 0.27
N GLY B 247 -24.41 -20.40 1.37
CA GLY B 247 -25.54 -19.89 2.12
C GLY B 247 -26.83 -20.01 1.33
N LEU B 248 -27.02 -21.17 0.71
CA LEU B 248 -28.18 -21.39 -0.14
C LEU B 248 -29.45 -21.41 0.70
N ARG B 249 -30.40 -20.55 0.34
CA ARG B 249 -31.66 -20.43 1.07
C ARG B 249 -32.76 -19.99 0.11
N GLN B 250 -33.96 -19.84 0.65
CA GLN B 250 -35.10 -19.39 -0.13
C GLN B 250 -34.93 -17.92 -0.53
N ALA B 251 -35.91 -17.40 -1.24
CA ALA B 251 -35.93 -15.99 -1.61
C ALA B 251 -36.38 -15.18 -0.41
N VAL B 252 -35.53 -15.10 0.61
CA VAL B 252 -35.83 -14.40 1.86
C VAL B 252 -34.68 -13.48 2.18
N THR B 253 -34.97 -12.17 2.27
CA THR B 253 -33.92 -11.20 2.56
C THR B 253 -33.42 -11.35 3.99
N GLN B 254 -34.34 -11.47 4.95
CA GLN B 254 -33.97 -11.57 6.36
C GLN B 254 -33.41 -12.95 6.69
N GLY C 1 15.21 -20.07 44.16
CA GLY C 1 16.45 -19.76 43.46
C GLY C 1 17.65 -19.63 44.39
N PHE C 2 18.85 -19.71 43.81
CA PHE C 2 20.07 -19.61 44.61
C PHE C 2 20.46 -18.13 44.79
N PRO C 3 20.90 -17.75 45.98
CA PRO C 3 21.18 -16.32 46.23
C PRO C 3 22.53 -15.91 45.66
N THR C 4 22.55 -14.73 45.04
CA THR C 4 23.78 -14.05 44.62
C THR C 4 23.68 -12.59 45.06
N GLU C 5 24.68 -11.80 44.68
CA GLU C 5 24.70 -10.38 45.02
C GLU C 5 24.17 -9.53 43.86
N LEU C 6 24.02 -8.24 44.12
CA LEU C 6 23.42 -7.34 43.16
C LEU C 6 24.37 -7.03 42.01
N LYS C 7 23.81 -6.87 40.83
CA LYS C 7 24.52 -6.42 39.64
C LYS C 7 23.68 -5.38 38.91
N PRO C 8 24.31 -4.44 38.21
CA PRO C 8 23.55 -3.45 37.45
C PRO C 8 22.75 -4.09 36.33
N GLY C 9 21.61 -3.48 36.02
CA GLY C 9 20.77 -3.98 34.94
C GLY C 9 19.30 -4.04 35.29
N THR C 10 18.93 -3.52 36.46
CA THR C 10 17.54 -3.49 36.91
C THR C 10 17.20 -2.09 37.40
N ASN C 11 15.99 -1.95 37.96
CA ASN C 11 15.48 -0.72 38.56
C ASN C 11 15.72 0.51 37.68
N GLN C 12 15.71 0.32 36.36
CA GLN C 12 15.96 1.38 35.40
C GLN C 12 14.81 1.46 34.41
N PHE C 13 14.41 2.69 34.07
CA PHE C 13 13.38 2.91 33.07
C PHE C 13 13.94 2.53 31.70
N LEU C 14 13.42 1.44 31.13
CA LEU C 14 13.94 0.87 29.91
C LEU C 14 12.89 0.96 28.80
N THR C 15 13.37 1.25 27.59
CA THR C 15 12.53 1.28 26.39
C THR C 15 13.10 0.43 25.27
N THR C 16 14.42 0.42 25.09
CA THR C 16 15.03 -0.32 24.00
C THR C 16 15.08 -1.83 24.31
N ASP C 17 15.06 -2.19 25.58
CA ASP C 17 15.27 -3.58 25.97
C ASP C 17 14.14 -4.47 25.46
N ASP C 18 14.51 -5.68 25.04
CA ASP C 18 13.56 -6.71 24.65
C ASP C 18 13.56 -7.78 25.74
N GLY C 19 12.52 -7.79 26.55
CA GLY C 19 12.43 -8.74 27.64
C GLY C 19 11.36 -9.80 27.44
N VAL C 20 11.53 -10.95 28.11
CA VAL C 20 10.54 -12.00 28.03
C VAL C 20 9.23 -11.52 28.64
N SER C 21 8.12 -11.88 28.02
CA SER C 21 6.80 -11.38 28.39
C SER C 21 5.89 -12.52 28.80
N ALA C 22 5.04 -12.27 29.79
CA ALA C 22 4.15 -13.29 30.32
C ALA C 22 2.76 -13.13 29.72
N PRO C 23 2.25 -14.12 28.98
CA PRO C 23 0.86 -14.02 28.49
C PRO C 23 -0.14 -14.22 29.61
N ILE C 24 -1.38 -13.84 29.33
CA ILE C 24 -2.43 -13.90 30.35
C ILE C 24 -3.32 -15.12 30.17
N LEU C 25 -3.66 -15.49 28.93
CA LEU C 25 -4.58 -16.60 28.68
C LEU C 25 -3.83 -17.76 28.06
N PRO C 26 -3.62 -18.86 28.78
CA PRO C 26 -2.91 -20.00 28.19
C PRO C 26 -3.74 -20.72 27.15
N ASN C 27 -3.04 -21.31 26.18
CA ASN C 27 -3.64 -22.16 25.14
C ASN C 27 -4.79 -21.45 24.41
N PHE C 28 -4.45 -20.38 23.71
CA PHE C 28 -5.39 -19.70 22.84
C PHE C 28 -5.04 -19.96 21.38
N HIS C 29 -6.06 -20.23 20.58
CA HIS C 29 -5.87 -20.47 19.15
C HIS C 29 -6.62 -19.41 18.34
N PRO C 30 -5.94 -18.40 17.83
CA PRO C 30 -6.61 -17.41 16.96
C PRO C 30 -6.89 -17.99 15.59
N THR C 31 -7.36 -17.16 14.66
CA THR C 31 -7.57 -17.62 13.31
C THR C 31 -6.24 -18.06 12.69
N PRO C 32 -6.24 -19.11 11.88
CA PRO C 32 -4.98 -19.57 11.28
C PRO C 32 -4.52 -18.63 10.18
N CYS C 33 -3.25 -18.80 9.80
CA CYS C 33 -2.69 -17.98 8.73
C CYS C 33 -3.44 -18.23 7.43
N ILE C 34 -3.82 -17.15 6.76
CA ILE C 34 -4.53 -17.22 5.49
C ILE C 34 -3.71 -16.50 4.43
N HIS C 35 -3.70 -17.06 3.23
CA HIS C 35 -2.89 -16.53 2.14
C HIS C 35 -3.53 -15.26 1.59
N ILE C 36 -2.93 -14.12 1.90
CA ILE C 36 -3.39 -12.84 1.35
C ILE C 36 -2.21 -12.05 0.84
N PRO C 37 -2.41 -11.26 -0.21
CA PRO C 37 -1.31 -10.47 -0.75
C PRO C 37 -0.94 -9.30 0.14
N GLY C 38 0.11 -8.57 -0.24
CA GLY C 38 0.53 -7.39 0.47
C GLY C 38 1.57 -7.60 1.55
N GLU C 39 1.92 -8.84 1.86
CA GLU C 39 2.96 -9.09 2.84
C GLU C 39 4.31 -8.61 2.32
N VAL C 40 5.08 -7.98 3.20
CA VAL C 40 6.39 -7.43 2.85
C VAL C 40 7.42 -7.91 3.86
N ARG C 41 8.44 -8.61 3.37
CA ARG C 41 9.56 -8.98 4.24
C ARG C 41 10.49 -7.79 4.48
N ASN C 42 10.72 -6.98 3.45
CA ASN C 42 11.68 -5.88 3.52
C ASN C 42 11.29 -4.82 2.51
N LEU C 43 11.55 -3.56 2.87
CA LEU C 43 11.22 -2.45 1.98
C LEU C 43 12.05 -2.49 0.70
N LEU C 44 13.25 -3.07 0.76
CA LEU C 44 14.09 -3.17 -0.44
C LEU C 44 13.40 -4.00 -1.51
N GLU C 45 12.63 -5.02 -1.10
CA GLU C 45 11.82 -5.74 -2.06
C GLU C 45 10.78 -4.83 -2.71
N LEU C 46 10.19 -3.94 -1.91
CA LEU C 46 9.25 -2.95 -2.45
C LEU C 46 9.93 -1.95 -3.36
N CYS C 47 11.24 -1.74 -3.20
CA CYS C 47 11.95 -0.70 -3.94
C CYS C 47 12.00 -0.97 -5.44
N GLN C 48 11.69 -2.18 -5.89
CA GLN C 48 11.73 -2.52 -7.30
C GLN C 48 10.36 -2.44 -7.97
N VAL C 49 9.52 -1.50 -7.54
CA VAL C 49 8.21 -1.29 -8.13
C VAL C 49 8.26 -0.01 -8.94
N GLU C 50 7.56 0.01 -10.07
CA GLU C 50 7.38 1.23 -10.85
C GLU C 50 6.82 2.34 -9.97
N THR C 51 7.45 3.51 -10.02
CA THR C 51 7.10 4.61 -9.13
C THR C 51 6.93 5.87 -9.97
N ILE C 52 5.71 6.42 -10.00
CA ILE C 52 5.48 7.65 -10.75
C ILE C 52 6.16 8.82 -10.04
N LEU C 53 6.92 9.60 -10.80
CA LEU C 53 7.62 10.77 -10.29
C LEU C 53 7.24 11.98 -11.12
N GLU C 54 6.81 13.03 -10.44
CA GLU C 54 6.47 14.32 -11.05
C GLU C 54 7.47 15.35 -10.51
N VAL C 55 8.30 15.90 -11.40
CA VAL C 55 9.42 16.74 -10.97
C VAL C 55 9.00 18.20 -10.87
N ASN C 56 8.63 18.82 -11.99
CA ASN C 56 8.40 20.26 -12.02
C ASN C 56 6.92 20.60 -11.78
N ASN C 57 6.50 20.39 -10.54
CA ASN C 57 5.20 20.88 -10.08
C ASN C 57 5.33 22.28 -9.48
N VAL C 58 5.86 23.20 -10.30
CA VAL C 58 6.18 24.54 -9.81
C VAL C 58 4.98 25.31 -9.28
N PRO C 59 3.80 25.29 -9.90
CA PRO C 59 2.71 26.14 -9.40
C PRO C 59 2.30 25.75 -7.98
N THR C 60 1.89 26.77 -7.22
CA THR C 60 1.54 26.59 -5.81
C THR C 60 0.11 27.00 -5.50
N ASN C 61 -0.83 26.80 -6.41
CA ASN C 61 -2.22 27.18 -6.23
C ASN C 61 -3.11 25.94 -6.20
N ALA C 62 -4.25 26.06 -5.53
CA ALA C 62 -5.18 24.95 -5.42
C ALA C 62 -5.72 24.54 -6.79
N THR C 63 -6.06 25.52 -7.63
CA THR C 63 -6.54 25.21 -8.98
C THR C 63 -5.46 24.55 -9.82
N SER C 64 -4.19 24.79 -9.52
CA SER C 64 -3.09 24.08 -10.16
C SER C 64 -2.92 22.67 -9.61
N LEU C 65 -3.44 22.41 -8.42
CA LEU C 65 -3.39 21.09 -7.79
C LEU C 65 -4.24 20.06 -8.52
N MET C 66 -4.79 20.43 -9.67
CA MET C 66 -5.46 19.51 -10.56
C MET C 66 -4.61 19.08 -11.75
N GLU C 67 -3.57 19.85 -12.10
CA GLU C 67 -2.80 19.61 -13.31
C GLU C 67 -1.30 19.65 -13.04
N ARG C 68 -0.86 19.01 -11.95
CA ARG C 68 0.55 19.04 -11.59
C ARG C 68 1.44 18.22 -12.52
N LEU C 69 0.85 17.43 -13.43
CA LEU C 69 1.60 16.59 -14.35
C LEU C 69 2.49 17.39 -15.29
N ARG C 70 2.22 18.68 -15.48
CA ARG C 70 2.76 19.42 -16.60
C ARG C 70 4.27 19.58 -16.52
N PHE C 71 4.94 19.46 -17.68
CA PHE C 71 6.29 19.96 -17.86
C PHE C 71 6.28 20.78 -19.15
N PRO C 72 7.15 21.79 -19.26
CA PRO C 72 6.99 22.78 -20.33
C PRO C 72 7.15 22.23 -21.74
N VAL C 73 6.06 22.26 -22.51
CA VAL C 73 6.11 22.05 -23.95
C VAL C 73 5.38 23.22 -24.61
N SER C 74 5.99 23.81 -25.62
CA SER C 74 5.42 24.96 -26.33
C SER C 74 6.11 25.05 -27.69
N ALA C 75 5.94 26.18 -28.37
CA ALA C 75 6.68 26.43 -29.60
C ALA C 75 8.11 26.77 -29.24
N GLN C 76 8.92 25.74 -28.99
CA GLN C 76 10.28 25.96 -28.52
C GLN C 76 11.15 26.58 -29.61
N ALA C 77 12.21 27.24 -29.18
CA ALA C 77 13.21 27.74 -30.12
C ALA C 77 13.91 26.61 -30.86
N GLY C 78 14.06 25.46 -30.23
CA GLY C 78 14.68 24.32 -30.89
C GLY C 78 16.14 24.50 -31.22
N LYS C 79 16.91 25.13 -30.34
CA LYS C 79 18.35 25.32 -30.54
C LYS C 79 19.14 24.86 -29.32
N GLY C 80 18.81 23.68 -28.80
CA GLY C 80 19.51 23.16 -27.65
C GLY C 80 19.18 23.87 -26.35
N GLU C 81 18.09 24.64 -26.32
CA GLU C 81 17.70 25.31 -25.09
C GLU C 81 17.24 24.31 -24.05
N LEU C 82 17.44 24.65 -22.78
CA LEU C 82 17.16 23.75 -21.68
C LEU C 82 15.65 23.63 -21.44
N CYS C 83 15.21 22.40 -21.20
CA CYS C 83 13.84 22.14 -20.80
C CYS C 83 13.69 22.16 -19.27
N ALA C 84 14.43 21.29 -18.59
CA ALA C 84 14.36 21.18 -17.14
C ALA C 84 15.58 20.44 -16.63
N VAL C 85 16.01 20.79 -15.42
CA VAL C 85 17.10 20.11 -14.73
C VAL C 85 16.67 19.77 -13.32
N PHE C 86 17.32 18.74 -12.77
CA PHE C 86 16.99 18.27 -11.43
C PHE C 86 18.13 17.41 -10.89
N ARG C 87 18.54 17.70 -9.65
CA ARG C 87 19.70 17.03 -9.08
C ARG C 87 19.40 15.59 -8.70
N ALA C 88 20.47 14.79 -8.62
CA ALA C 88 20.36 13.34 -8.48
C ALA C 88 19.83 12.89 -7.12
N ASP C 89 20.02 13.68 -6.07
CA ASP C 89 19.69 13.22 -4.73
C ASP C 89 18.18 13.00 -4.57
N PRO C 90 17.76 11.81 -4.13
CA PRO C 90 16.33 11.56 -3.89
C PRO C 90 15.91 11.67 -2.43
N GLY C 91 16.83 11.96 -1.51
CA GLY C 91 16.54 11.94 -0.09
C GLY C 91 16.29 13.29 0.55
N ARG C 92 15.96 14.30 -0.22
CA ARG C 92 15.72 15.64 0.30
C ARG C 92 14.22 15.95 0.25
N SER C 93 13.79 16.78 1.21
CA SER C 93 12.37 17.09 1.34
C SER C 93 11.86 17.84 0.12
N GLY C 94 10.61 17.56 -0.24
CA GLY C 94 9.97 18.21 -1.35
C GLY C 94 9.15 17.23 -2.16
N PRO C 95 8.93 17.55 -3.43
CA PRO C 95 8.27 16.58 -4.32
C PRO C 95 9.11 15.35 -4.61
N TRP C 96 10.33 15.29 -4.08
CA TRP C 96 11.17 14.13 -4.36
C TRP C 96 10.83 13.00 -3.41
N GLN C 97 10.65 13.32 -2.13
CA GLN C 97 10.20 12.32 -1.17
C GLN C 97 8.71 12.07 -1.33
N SER C 98 8.05 12.81 -2.23
CA SER C 98 6.65 12.54 -2.54
C SER C 98 6.45 11.10 -2.99
N THR C 99 7.41 10.53 -3.70
CA THR C 99 7.34 9.12 -4.06
C THR C 99 7.49 8.24 -2.83
N LEU C 100 6.88 7.06 -2.90
CA LEU C 100 6.97 6.13 -1.77
C LEU C 100 8.41 5.73 -1.49
N LEU C 101 9.18 5.47 -2.54
CA LEU C 101 10.61 5.24 -2.36
C LEU C 101 11.26 6.46 -1.72
N GLY C 102 10.94 7.65 -2.24
CA GLY C 102 11.45 8.87 -1.63
C GLY C 102 10.90 9.11 -0.25
N GLN C 103 9.63 8.75 -0.03
CA GLN C 103 9.04 8.91 1.30
C GLN C 103 9.78 8.06 2.33
N LEU C 104 10.15 6.84 1.94
CA LEU C 104 10.91 5.98 2.84
C LEU C 104 12.34 6.49 3.00
N CYS C 105 12.91 7.04 1.93
CA CYS C 105 14.27 7.58 2.01
C CYS C 105 14.33 8.82 2.89
N GLY C 106 13.23 9.56 2.99
CA GLY C 106 13.21 10.75 3.82
C GLY C 106 13.36 10.48 5.30
N TYR C 107 13.07 9.26 5.74
CA TYR C 107 13.25 8.86 7.13
C TYR C 107 14.64 8.31 7.41
N TYR C 108 15.49 8.20 6.39
CA TYR C 108 16.77 7.54 6.50
C TYR C 108 17.91 8.55 6.41
N THR C 109 19.06 8.17 6.96
CA THR C 109 20.24 9.02 6.96
C THR C 109 21.22 8.61 5.86
N GLN C 110 21.59 7.34 5.82
CA GLN C 110 22.54 6.81 4.85
C GLN C 110 21.82 6.38 3.58
N TRP C 111 22.62 6.08 2.55
CA TRP C 111 22.10 5.60 1.28
C TRP C 111 23.26 4.95 0.52
N SER C 112 22.99 3.84 -0.15
CA SER C 112 24.03 3.17 -0.94
C SER C 112 23.50 2.88 -2.33
N GLY C 113 23.85 3.73 -3.29
CA GLY C 113 23.47 3.55 -4.68
C GLY C 113 22.58 4.66 -5.18
N SER C 114 22.12 4.48 -6.42
CA SER C 114 21.25 5.43 -7.09
C SER C 114 20.00 4.71 -7.60
N LEU C 115 19.24 5.40 -8.43
CA LEU C 115 17.94 4.91 -8.89
C LEU C 115 17.99 4.64 -10.40
N GLU C 116 16.86 4.20 -10.94
CA GLU C 116 16.66 4.00 -12.37
C GLU C 116 15.43 4.79 -12.79
N VAL C 117 15.51 5.46 -13.94
CA VAL C 117 14.48 6.41 -14.35
C VAL C 117 14.07 6.18 -15.80
N THR C 118 12.90 6.72 -16.15
CA THR C 118 12.39 6.70 -17.51
C THR C 118 11.28 7.74 -17.63
N PHE C 119 10.81 7.94 -18.86
CA PHE C 119 9.80 8.96 -19.14
C PHE C 119 8.99 8.50 -20.33
N MET C 120 7.69 8.79 -20.30
CA MET C 120 6.76 8.30 -21.31
C MET C 120 6.45 9.39 -22.33
N PHE C 121 5.66 9.02 -23.34
CA PHE C 121 5.32 9.90 -24.45
C PHE C 121 3.93 9.55 -24.95
N THR C 122 3.20 10.57 -25.43
CA THR C 122 1.80 10.40 -25.78
C THR C 122 1.43 11.08 -27.10
N GLY C 123 2.38 11.18 -28.03
CA GLY C 123 2.10 11.81 -29.31
C GLY C 123 1.29 10.90 -30.23
N SER C 124 0.85 11.49 -31.33
CA SER C 124 0.06 10.75 -32.30
C SER C 124 0.97 10.00 -33.27
N PHE C 125 0.35 9.37 -34.27
CA PHE C 125 1.09 8.52 -35.21
C PHE C 125 2.24 9.28 -35.86
N MET C 126 1.93 10.28 -36.67
CA MET C 126 2.98 11.02 -37.36
C MET C 126 3.75 11.93 -36.39
N ALA C 127 3.11 12.33 -35.29
CA ALA C 127 3.77 13.18 -34.31
C ALA C 127 4.95 12.45 -33.68
N THR C 128 6.07 13.15 -33.55
CA THR C 128 7.28 12.60 -32.97
C THR C 128 8.06 13.73 -32.31
N GLY C 129 9.32 13.46 -31.97
CA GLY C 129 10.16 14.46 -31.38
C GLY C 129 11.58 13.95 -31.26
N LYS C 130 12.47 14.85 -30.86
CA LYS C 130 13.88 14.52 -30.66
C LYS C 130 14.36 15.26 -29.42
N MET C 131 14.40 14.56 -28.30
CA MET C 131 14.80 15.13 -27.01
C MET C 131 16.21 14.68 -26.66
N LEU C 132 16.65 15.05 -25.46
CA LEU C 132 17.98 14.68 -24.98
C LEU C 132 17.91 14.44 -23.48
N ILE C 133 18.24 13.22 -23.09
CA ILE C 133 18.26 12.76 -21.71
C ILE C 133 19.72 12.64 -21.29
N ALA C 134 20.11 13.39 -20.26
CA ALA C 134 21.52 13.43 -19.90
C ALA C 134 21.67 13.53 -18.38
N TYR C 135 22.65 12.79 -17.86
CA TYR C 135 23.01 12.85 -16.45
C TYR C 135 24.45 13.33 -16.31
N THR C 136 24.72 14.06 -15.23
CA THR C 136 26.04 14.53 -14.88
C THR C 136 26.32 14.14 -13.43
N PRO C 137 27.36 13.35 -13.17
CA PRO C 137 27.72 13.07 -11.78
C PRO C 137 28.19 14.34 -11.09
N PRO C 138 28.14 14.37 -9.77
CA PRO C 138 28.57 15.58 -9.03
C PRO C 138 30.01 15.95 -9.32
N GLY C 139 30.27 17.26 -9.36
CA GLY C 139 31.61 17.75 -9.61
C GLY C 139 31.68 18.91 -10.57
N GLY C 140 30.52 19.40 -11.02
CA GLY C 140 30.48 20.48 -11.97
C GLY C 140 29.35 21.46 -11.74
N PRO C 141 29.49 22.68 -12.26
CA PRO C 141 28.42 23.68 -12.15
C PRO C 141 27.28 23.39 -13.10
N LEU C 142 26.34 24.33 -13.22
CA LEU C 142 25.19 24.14 -14.09
C LEU C 142 25.66 23.94 -15.53
N PRO C 143 25.07 22.99 -16.26
CA PRO C 143 25.43 22.80 -17.67
C PRO C 143 24.98 23.98 -18.51
N LYS C 144 25.66 24.15 -19.64
CA LYS C 144 25.42 25.26 -20.55
C LYS C 144 24.73 24.85 -21.83
N ASP C 145 25.23 23.83 -22.53
CA ASP C 145 24.74 23.49 -23.85
C ASP C 145 25.08 22.02 -24.15
N ARG C 146 25.04 21.66 -25.43
CA ARG C 146 25.33 20.30 -25.84
C ARG C 146 26.73 19.87 -25.43
N ALA C 147 27.66 20.81 -25.30
CA ALA C 147 29.02 20.46 -24.91
C ALA C 147 29.05 19.87 -23.50
N THR C 148 28.29 20.45 -22.58
CA THR C 148 28.21 19.90 -21.23
C THR C 148 27.61 18.50 -21.25
N ALA C 149 26.59 18.29 -22.07
CA ALA C 149 26.06 16.94 -22.25
C ALA C 149 27.13 16.01 -22.80
N MET C 150 28.01 16.52 -23.67
CA MET C 150 29.12 15.73 -24.17
C MET C 150 30.06 15.33 -23.05
N LEU C 151 30.33 16.25 -22.12
CA LEU C 151 31.17 15.91 -20.96
C LEU C 151 30.54 14.80 -20.13
N GLY C 152 29.21 14.80 -20.01
CA GLY C 152 28.52 13.78 -19.25
C GLY C 152 28.24 12.50 -20.03
N THR C 153 28.70 11.37 -19.51
CA THR C 153 28.30 10.08 -20.06
C THR C 153 26.83 9.83 -19.79
N HIS C 154 26.08 9.48 -20.83
CA HIS C 154 24.71 9.03 -20.68
C HIS C 154 24.37 8.23 -21.93
N VAL C 155 23.08 8.02 -22.14
CA VAL C 155 22.58 7.29 -23.31
C VAL C 155 21.76 8.26 -24.16
N ILE C 156 22.06 8.31 -25.45
CA ILE C 156 21.28 9.14 -26.36
C ILE C 156 19.86 8.60 -26.44
N TRP C 157 18.88 9.51 -26.43
CA TRP C 157 17.48 9.15 -26.45
C TRP C 157 16.77 9.81 -27.62
N ASP C 158 15.81 9.08 -28.19
CA ASP C 158 15.03 9.55 -29.33
C ASP C 158 13.60 9.02 -29.20
N PHE C 159 12.63 9.87 -29.52
CA PHE C 159 11.24 9.41 -29.63
C PHE C 159 11.06 8.66 -30.94
N GLY C 160 11.17 7.34 -30.89
CA GLY C 160 10.79 6.51 -32.01
C GLY C 160 9.44 5.88 -31.75
N LEU C 161 9.30 4.59 -32.08
CA LEU C 161 8.08 3.88 -31.71
C LEU C 161 8.03 3.68 -30.20
N GLN C 162 9.14 3.26 -29.60
CA GLN C 162 9.18 3.04 -28.16
C GLN C 162 9.22 4.36 -27.41
N SER C 163 8.40 4.45 -26.37
CA SER C 163 8.31 5.65 -25.54
C SER C 163 9.25 5.64 -24.35
N SER C 164 9.47 4.49 -23.72
CA SER C 164 10.27 4.43 -22.51
C SER C 164 11.74 4.65 -22.82
N VAL C 165 12.45 5.20 -21.83
CA VAL C 165 13.89 5.43 -21.94
C VAL C 165 14.53 5.06 -20.60
N THR C 166 15.13 3.88 -20.55
CA THR C 166 15.71 3.35 -19.32
C THR C 166 17.08 3.97 -19.08
N LEU C 167 17.15 4.87 -18.10
CA LEU C 167 18.40 5.48 -17.67
C LEU C 167 18.76 4.93 -16.30
N VAL C 168 19.83 4.15 -16.23
CA VAL C 168 20.31 3.56 -14.99
C VAL C 168 21.51 4.36 -14.50
N ILE C 169 21.49 4.73 -13.22
CA ILE C 169 22.57 5.47 -12.60
C ILE C 169 23.27 4.53 -11.61
N PRO C 170 24.49 4.10 -11.89
CA PRO C 170 25.15 3.11 -11.04
C PRO C 170 25.53 3.67 -9.67
N TRP C 171 26.18 2.82 -8.88
CA TRP C 171 26.59 3.16 -7.52
C TRP C 171 27.76 4.12 -7.57
N ILE C 172 27.47 5.38 -7.87
CA ILE C 172 28.48 6.44 -7.84
C ILE C 172 28.46 7.04 -6.43
N SER C 173 29.19 6.39 -5.53
CA SER C 173 29.28 6.84 -4.15
C SER C 173 30.58 6.33 -3.52
N ASN C 174 31.54 7.22 -3.32
CA ASN C 174 32.82 6.80 -2.75
C ASN C 174 32.73 6.57 -1.24
N THR C 175 31.95 7.37 -0.54
CA THR C 175 31.86 7.31 0.92
C THR C 175 30.48 6.84 1.35
N HIS C 176 30.46 5.97 2.38
CA HIS C 176 29.20 5.49 2.91
C HIS C 176 28.63 6.42 3.98
N TYR C 177 29.46 7.27 4.58
CA TYR C 177 29.00 8.27 5.52
C TYR C 177 30.02 9.40 5.57
N ARG C 178 29.59 10.54 6.11
CA ARG C 178 30.36 11.77 6.06
C ARG C 178 30.51 12.37 7.46
N ALA C 179 31.39 13.36 7.57
CA ALA C 179 31.63 14.01 8.85
C ALA C 179 30.40 14.76 9.32
N HIS C 180 30.12 14.65 10.62
CA HIS C 180 28.89 15.17 11.21
C HIS C 180 28.96 16.69 11.32
N ALA C 181 27.96 17.36 10.77
CA ALA C 181 27.82 18.81 10.87
C ALA C 181 26.35 19.19 11.02
N ARG C 182 26.04 20.47 10.87
CA ARG C 182 24.65 20.94 10.93
C ARG C 182 24.36 21.76 9.68
N ASP C 183 23.08 22.08 9.48
CA ASP C 183 22.67 22.81 8.28
C ASP C 183 23.25 24.23 8.29
N GLY C 184 23.55 24.73 7.10
CA GLY C 184 24.14 26.05 6.99
C GLY C 184 24.51 26.36 5.55
N VAL C 185 25.71 26.92 5.40
CA VAL C 185 26.24 27.34 4.10
C VAL C 185 27.11 26.25 3.52
N PHE C 186 26.92 25.01 4.00
CA PHE C 186 27.73 23.87 3.60
C PHE C 186 27.25 23.23 2.30
N ASP C 187 26.58 23.99 1.43
CA ASP C 187 26.04 23.47 0.18
C ASP C 187 27.12 23.07 -0.82
N TYR C 188 28.40 23.17 -0.45
CA TYR C 188 29.48 22.81 -1.37
C TYR C 188 29.42 21.34 -1.81
N TYR C 189 28.74 20.48 -1.05
CA TYR C 189 28.69 19.05 -1.36
C TYR C 189 27.66 18.81 -2.46
N THR C 190 28.14 18.85 -3.70
CA THR C 190 27.28 18.61 -4.85
C THR C 190 26.97 17.12 -5.00
N THR C 191 25.81 16.83 -5.60
CA THR C 191 25.33 15.46 -5.72
C THR C 191 25.03 15.02 -7.15
N GLY C 192 25.13 15.89 -8.14
CA GLY C 192 24.86 15.55 -9.52
C GLY C 192 23.68 16.33 -10.06
N LEU C 193 23.36 16.05 -11.32
CA LEU C 193 22.27 16.76 -11.98
C LEU C 193 21.82 15.95 -13.19
N VAL C 194 20.58 16.20 -13.62
CA VAL C 194 20.03 15.62 -14.84
C VAL C 194 19.42 16.76 -15.65
N SER C 195 19.70 16.77 -16.94
CA SER C 195 19.29 17.85 -17.83
C SER C 195 18.47 17.30 -18.98
N ILE C 196 17.46 18.07 -19.41
CA ILE C 196 16.56 17.67 -20.47
C ILE C 196 16.66 18.70 -21.59
N TRP C 197 16.82 18.24 -22.82
CA TRP C 197 17.07 19.20 -23.91
C TRP C 197 16.20 18.91 -25.12
N TYR C 198 15.91 19.97 -25.87
CA TYR C 198 15.30 19.87 -27.19
C TYR C 198 16.38 19.92 -28.27
N GLN C 199 16.08 19.33 -29.43
CA GLN C 199 17.01 19.41 -30.55
C GLN C 199 16.43 20.15 -31.75
N THR C 200 15.31 19.69 -32.32
CA THR C 200 14.80 20.37 -33.50
C THR C 200 13.63 21.28 -33.14
N ASN C 201 12.55 20.68 -32.63
CA ASN C 201 11.39 21.38 -32.08
C ASN C 201 10.39 20.31 -31.66
N TYR C 202 9.34 20.74 -30.97
CA TYR C 202 8.16 19.92 -30.77
C TYR C 202 7.46 19.82 -32.13
N VAL C 203 7.60 18.69 -32.80
CA VAL C 203 7.22 18.56 -34.20
C VAL C 203 5.93 17.75 -34.31
N VAL C 204 4.92 18.38 -34.90
CA VAL C 204 3.66 17.72 -35.26
C VAL C 204 3.20 18.24 -36.61
N PRO C 205 2.41 17.45 -37.33
CA PRO C 205 1.87 17.93 -38.60
C PRO C 205 0.69 18.86 -38.39
N ILE C 206 0.34 19.57 -39.47
CA ILE C 206 -0.81 20.47 -39.42
C ILE C 206 -2.06 19.68 -39.11
N GLY C 207 -2.93 20.24 -38.29
CA GLY C 207 -4.10 19.53 -37.82
C GLY C 207 -3.90 18.78 -36.53
N ALA C 208 -2.75 18.95 -35.87
CA ALA C 208 -2.46 18.30 -34.61
C ALA C 208 -2.12 19.34 -33.55
N PRO C 209 -2.73 19.26 -32.37
CA PRO C 209 -2.43 20.23 -31.32
C PRO C 209 -0.98 20.12 -30.86
N ASN C 210 -0.41 21.26 -30.47
CA ASN C 210 1.00 21.37 -30.16
C ASN C 210 1.33 21.11 -28.70
N THR C 211 0.52 20.33 -28.00
CA THR C 211 0.74 20.07 -26.58
C THR C 211 0.79 18.56 -26.32
N ALA C 212 1.83 18.14 -25.60
CA ALA C 212 1.95 16.75 -25.17
C ALA C 212 2.88 16.73 -23.95
N TYR C 213 2.31 16.58 -22.77
CA TYR C 213 3.05 16.56 -21.52
C TYR C 213 2.75 15.29 -20.76
N ILE C 214 3.79 14.69 -20.20
CA ILE C 214 3.76 13.38 -19.57
C ILE C 214 4.47 13.48 -18.22
N ILE C 215 4.37 12.43 -17.41
CA ILE C 215 5.00 12.37 -16.10
C ILE C 215 6.14 11.35 -16.17
N ALA C 216 7.07 11.44 -15.23
CA ALA C 216 8.24 10.58 -15.23
C ALA C 216 8.01 9.33 -14.39
N LEU C 217 8.97 8.40 -14.47
CA LEU C 217 8.92 7.16 -13.70
C LEU C 217 10.31 6.85 -13.16
N ALA C 218 10.35 6.18 -12.02
CA ALA C 218 11.61 5.82 -11.39
C ALA C 218 11.39 4.65 -10.45
N ALA C 219 12.49 4.00 -10.09
CA ALA C 219 12.47 2.85 -9.19
C ALA C 219 13.90 2.62 -8.69
N ALA C 220 14.06 1.58 -7.87
CA ALA C 220 15.34 1.23 -7.27
C ALA C 220 15.68 -0.22 -7.58
N GLN C 221 16.97 -0.50 -7.64
CA GLN C 221 17.47 -1.84 -7.91
C GLN C 221 18.04 -2.46 -6.63
N LYS C 222 18.50 -3.70 -6.77
CA LYS C 222 19.05 -4.44 -5.63
C LYS C 222 20.28 -3.76 -5.06
N ASN C 223 21.05 -3.07 -5.89
CA ASN C 223 22.31 -2.49 -5.45
C ASN C 223 22.09 -1.46 -4.34
N PHE C 224 21.08 -0.60 -4.50
CA PHE C 224 20.83 0.44 -3.52
C PHE C 224 20.34 -0.19 -2.21
N THR C 225 20.81 0.36 -1.09
CA THR C 225 20.32 -0.01 0.22
C THR C 225 20.05 1.24 1.03
N MET C 226 19.09 1.13 1.94
CA MET C 226 18.52 2.28 2.62
C MET C 226 18.00 1.86 3.99
N LYS C 227 18.55 2.46 5.05
CA LYS C 227 18.23 2.09 6.42
C LYS C 227 18.61 3.26 7.33
N LEU C 228 18.75 2.98 8.62
CA LEU C 228 19.06 3.99 9.64
C LEU C 228 17.93 5.02 9.73
N CYS C 229 16.76 4.50 10.10
CA CYS C 229 15.56 5.31 10.12
C CYS C 229 15.63 6.40 11.19
N LYS C 230 15.11 7.57 10.83
CA LYS C 230 14.94 8.70 11.74
C LYS C 230 13.46 8.87 12.06
N ASP C 231 13.18 9.61 13.12
CA ASP C 231 11.82 9.81 13.59
C ASP C 231 11.08 10.78 12.66
N ALA C 232 9.78 10.92 12.91
CA ALA C 232 8.96 11.79 12.09
C ALA C 232 9.37 13.25 12.25
N SER C 233 9.34 13.98 11.15
CA SER C 233 9.71 15.39 11.12
C SER C 233 8.54 16.32 10.83
N ASP C 234 7.59 15.90 9.99
CA ASP C 234 6.46 16.73 9.60
C ASP C 234 5.20 15.89 9.67
N ILE C 235 4.28 16.27 10.56
CA ILE C 235 2.97 15.65 10.64
C ILE C 235 2.03 16.66 11.26
N LEU C 236 0.80 16.71 10.74
CA LEU C 236 -0.17 17.73 11.12
C LEU C 236 -1.26 17.11 11.98
N GLN C 237 -1.40 17.62 13.21
CA GLN C 237 -2.48 17.23 14.11
C GLN C 237 -2.80 18.40 15.03
N THR C 238 -3.94 19.05 14.81
CA THR C 238 -4.41 20.11 15.69
C THR C 238 -4.95 19.59 17.02
N GLY C 239 -5.51 18.38 17.03
CA GLY C 239 -5.94 17.76 18.26
C GLY C 239 -5.52 16.30 18.29
N THR C 240 -5.49 15.76 19.50
CA THR C 240 -5.15 14.36 19.71
C THR C 240 -6.39 13.60 20.18
N ILE C 241 -6.48 12.33 19.76
CA ILE C 241 -7.63 11.51 20.09
C ILE C 241 -7.65 11.24 21.59
N GLN C 242 -8.79 11.53 22.23
CA GLN C 242 -8.93 11.37 23.66
C GLN C 242 -9.57 10.03 24.02
N SER D 12 13.65 -33.76 30.01
CA SER D 12 12.88 -32.80 29.23
C SER D 12 11.64 -33.45 28.64
N HIS D 13 10.71 -33.85 29.50
CA HIS D 13 9.46 -34.49 29.09
C HIS D 13 8.39 -33.41 29.04
N GLU D 14 8.34 -32.69 27.92
CA GLU D 14 7.41 -31.57 27.76
C GLU D 14 7.28 -31.25 26.28
N ASN D 15 6.05 -31.00 25.85
CA ASN D 15 5.75 -30.62 24.48
C ASN D 15 5.23 -29.18 24.44
N SER D 16 4.78 -28.75 23.26
CA SER D 16 4.28 -27.40 23.05
C SER D 16 2.87 -27.45 22.47
N ASN D 17 2.19 -26.30 22.54
CA ASN D 17 0.83 -26.15 22.02
C ASN D 17 0.78 -25.02 20.99
N SER D 18 1.74 -24.98 20.09
CA SER D 18 1.80 -23.96 19.05
C SER D 18 1.73 -24.61 17.68
N ALA D 19 1.09 -23.91 16.74
CA ALA D 19 0.87 -24.43 15.40
C ALA D 19 1.41 -23.50 14.31
N THR D 20 2.33 -22.61 14.65
CA THR D 20 2.95 -21.73 13.66
C THR D 20 4.11 -22.48 13.03
N GLU D 21 4.05 -22.63 11.70
CA GLU D 21 5.02 -23.41 10.96
C GLU D 21 5.95 -22.48 10.17
N GLY D 22 6.82 -23.08 9.36
CA GLY D 22 7.75 -22.31 8.56
C GLY D 22 9.15 -22.26 9.15
N SER D 23 9.66 -23.41 9.56
CA SER D 23 11.03 -23.54 10.08
C SER D 23 11.79 -24.53 9.22
N THR D 24 13.05 -24.21 8.91
CA THR D 24 13.87 -25.06 8.07
C THR D 24 14.86 -25.91 8.86
N ILE D 25 15.09 -25.61 10.13
CA ILE D 25 15.99 -26.36 10.98
C ILE D 25 15.31 -26.66 12.31
N ASN D 26 15.49 -27.88 12.79
CA ASN D 26 14.97 -28.25 14.10
C ASN D 26 15.75 -27.52 15.20
N TYR D 27 15.05 -27.13 16.25
CA TYR D 27 15.64 -26.38 17.34
C TYR D 27 14.79 -26.56 18.59
N THR D 28 15.39 -26.30 19.75
CA THR D 28 14.72 -26.47 21.03
C THR D 28 14.70 -25.14 21.78
N THR D 29 13.76 -25.02 22.70
CA THR D 29 13.54 -23.78 23.44
C THR D 29 13.38 -24.06 24.92
N ILE D 30 13.81 -23.09 25.74
CA ILE D 30 13.69 -23.16 27.18
C ILE D 30 13.25 -21.79 27.67
N ASN D 31 12.27 -21.77 28.58
CA ASN D 31 11.68 -20.52 29.04
C ASN D 31 11.74 -20.43 30.55
N TYR D 32 11.92 -19.20 31.05
CA TYR D 32 11.89 -18.96 32.49
C TYR D 32 10.48 -19.02 33.05
N TYR D 33 9.46 -18.75 32.22
CA TYR D 33 8.07 -18.93 32.60
C TYR D 33 7.68 -20.40 32.42
N LYS D 34 6.43 -20.73 32.73
CA LYS D 34 5.94 -22.08 32.54
C LYS D 34 5.66 -22.40 31.08
N ASP D 35 5.46 -21.39 30.24
CA ASP D 35 5.22 -21.61 28.82
C ASP D 35 6.55 -21.97 28.14
N SER D 36 6.53 -22.08 26.82
CA SER D 36 7.72 -22.58 26.15
C SER D 36 8.20 -21.70 25.00
N TYR D 37 7.30 -21.00 24.31
CA TYR D 37 7.66 -20.30 23.09
C TYR D 37 8.08 -18.86 23.34
N ALA D 38 8.18 -18.44 24.60
CA ALA D 38 8.54 -17.06 24.91
C ALA D 38 10.04 -16.79 24.77
N ALA D 39 10.85 -17.81 24.54
CA ALA D 39 12.28 -17.64 24.39
C ALA D 39 12.61 -17.15 22.99
N THR D 40 13.89 -17.17 22.63
CA THR D 40 14.34 -16.72 21.32
C THR D 40 13.66 -17.51 20.21
N ALA D 41 13.14 -16.80 19.21
CA ALA D 41 12.41 -17.43 18.11
C ALA D 41 13.32 -18.18 17.14
N GLY D 42 14.63 -17.91 17.16
CA GLY D 42 15.55 -18.57 16.26
C GLY D 42 15.94 -17.67 15.09
N LYS D 43 16.89 -18.16 14.31
CA LYS D 43 17.43 -17.43 13.18
C LYS D 43 16.63 -17.78 11.93
N GLN D 44 16.30 -16.77 11.13
CA GLN D 44 15.53 -16.95 9.91
C GLN D 44 16.27 -16.32 8.74
N SER D 45 16.09 -16.92 7.57
CA SER D 45 16.70 -16.43 6.35
C SER D 45 15.82 -15.34 5.70
N LEU D 46 16.26 -14.88 4.54
CA LEU D 46 15.55 -13.86 3.78
C LEU D 46 15.19 -14.41 2.41
N LYS D 47 13.93 -14.23 2.01
CA LYS D 47 13.41 -14.73 0.74
C LYS D 47 12.67 -13.62 0.01
N GLN D 48 12.88 -13.51 -1.30
CA GLN D 48 12.19 -12.54 -2.12
C GLN D 48 11.94 -13.12 -3.51
N ASP D 49 10.76 -12.81 -4.08
CA ASP D 49 10.38 -13.28 -5.40
C ASP D 49 9.49 -12.26 -6.10
N PRO D 50 10.06 -11.21 -6.69
CA PRO D 50 9.24 -10.18 -7.36
C PRO D 50 8.89 -10.45 -8.82
N ASP D 51 8.94 -11.71 -9.27
CA ASP D 51 8.78 -11.99 -10.69
C ASP D 51 7.41 -11.53 -11.20
N LYS D 52 6.33 -11.94 -10.52
CA LYS D 52 4.99 -11.61 -10.99
C LYS D 52 4.69 -10.11 -10.91
N PHE D 53 5.41 -9.38 -10.05
CA PHE D 53 5.11 -7.97 -9.85
C PHE D 53 5.35 -7.16 -11.11
N ALA D 54 6.42 -7.47 -11.85
CA ALA D 54 6.81 -6.68 -13.02
C ALA D 54 6.78 -7.45 -14.33
N ASN D 55 6.66 -8.78 -14.29
CA ASN D 55 6.69 -9.61 -15.48
C ASN D 55 5.47 -10.53 -15.53
N PRO D 56 4.30 -9.99 -15.87
CA PRO D 56 3.09 -10.83 -16.07
C PRO D 56 2.92 -11.31 -17.52
N VAL D 57 3.76 -12.27 -17.93
CA VAL D 57 3.76 -12.79 -19.29
C VAL D 57 3.38 -14.25 -19.25
N LYS D 58 2.34 -14.62 -20.02
CA LYS D 58 1.91 -16.01 -20.08
C LYS D 58 2.59 -16.76 -21.21
N ASP D 59 2.84 -16.08 -22.33
CA ASP D 59 3.43 -16.71 -23.51
C ASP D 59 4.94 -16.75 -23.32
N ILE D 60 5.47 -17.92 -22.98
CA ILE D 60 6.89 -18.12 -22.73
C ILE D 60 7.50 -18.84 -23.91
N PHE D 61 8.56 -18.25 -24.47
CA PHE D 61 9.31 -18.84 -25.56
C PHE D 61 10.47 -19.65 -25.00
N THR D 62 11.14 -20.39 -25.89
CA THR D 62 12.32 -21.13 -25.49
C THR D 62 13.48 -20.17 -25.22
N GLU D 63 14.51 -20.69 -24.56
CA GLU D 63 15.64 -19.84 -24.18
C GLU D 63 16.35 -19.28 -25.40
N MET D 64 16.42 -20.06 -26.48
CA MET D 64 17.16 -19.61 -27.66
C MET D 64 16.42 -18.51 -28.41
N ALA D 65 15.10 -18.63 -28.53
CA ALA D 65 14.31 -17.71 -29.34
C ALA D 65 14.11 -16.38 -28.62
N ALA D 66 13.96 -15.32 -29.40
CA ALA D 66 13.70 -14.00 -28.85
C ALA D 66 12.27 -13.93 -28.30
N PRO D 67 12.03 -13.11 -27.29
CA PRO D 67 10.65 -13.04 -26.74
C PRO D 67 9.66 -12.38 -27.67
N LEU D 68 10.06 -11.33 -28.38
CA LEU D 68 9.16 -10.58 -29.25
C LEU D 68 9.43 -10.93 -30.72
N LYS D 69 8.38 -10.81 -31.53
CA LYS D 69 8.47 -11.12 -32.95
C LYS D 69 9.42 -10.15 -33.67
#